data_4G1O
#
_entry.id   4G1O
#
_cell.length_a   163.311
_cell.length_b   46.987
_cell.length_c   117.410
_cell.angle_alpha   90.00
_cell.angle_beta   132.05
_cell.angle_gamma   90.00
#
_symmetry.space_group_name_H-M   'C 1 2 1'
#
loop_
_entity.id
_entity.type
_entity.pdbx_description
1 polymer 'Matrix protein'
2 water water
#
_entity_poly.entity_id   1
_entity_poly.type   'polypeptide(L)'
_entity_poly.pdbx_seq_one_letter_code
;MDSSRTIGLYFDSALPSSNLLAFPIVLQDIGDGKKQIAPQYRIQRLDSWTDSKEDSVFITTYGFIFQVGNEEVTVGMISD
NPKHELLSAAMLCLGSVPNVGDLVELARACLTMVVTCKKSATDTERMVFSVVQAPQVLQSCRVVANKYSSVNAVKHVKAP
EKIPGSGTLEYKVNFVSLTVVPRKDVYKIPTAALKVSGSSLYNLALNVTIDVEVDPKSPLVKSLSKSDSGYYANLFLHIG
LMSTVDKKGKKVTFDKLERKIRRLDLSVGLSDVLGPSVLVKARGARTRLLAPFFSSSGTACYPISNASPQVAKILWSQTA
RLRSVKVIIQAGTQRAVAVTADHEVTSTKIEKRHTIAKYNPFKK
;
_entity_poly.pdbx_strand_id   A,B
#
# COMPACT_ATOMS: atom_id res chain seq x y z
N SER A 13 -0.65 -20.48 -21.60
CA SER A 13 -0.96 -19.83 -22.87
C SER A 13 0.28 -19.15 -23.39
N ALA A 14 0.49 -19.22 -24.71
CA ALA A 14 1.73 -18.75 -25.26
C ALA A 14 1.65 -17.25 -25.45
N LEU A 15 2.17 -16.62 -24.41
CA LEU A 15 2.21 -15.22 -24.14
C LEU A 15 3.43 -15.15 -23.26
N PRO A 16 3.70 -14.01 -22.66
CA PRO A 16 4.88 -13.83 -21.85
C PRO A 16 5.06 -14.98 -20.88
N SER A 17 4.00 -15.62 -20.44
CA SER A 17 4.17 -16.73 -19.52
C SER A 17 4.37 -16.20 -18.15
N SER A 18 4.59 -14.91 -18.08
CA SER A 18 4.72 -14.26 -16.77
C SER A 18 3.29 -13.89 -16.42
N ASN A 19 2.47 -13.65 -17.46
CA ASN A 19 1.05 -13.25 -17.32
C ASN A 19 0.27 -13.87 -16.16
N LEU A 20 0.61 -15.12 -15.81
CA LEU A 20 0.03 -15.80 -14.66
C LEU A 20 0.44 -15.14 -13.32
N LEU A 21 1.47 -14.31 -13.35
CA LEU A 21 1.94 -13.63 -12.14
C LEU A 21 0.99 -12.52 -11.69
N ALA A 22 0.03 -12.22 -12.56
CA ALA A 22 -1.00 -11.26 -12.25
C ALA A 22 -2.16 -11.91 -11.49
N PHE A 23 -2.07 -13.22 -11.26
CA PHE A 23 -3.11 -13.99 -10.56
C PHE A 23 -3.43 -13.45 -9.16
N PRO A 24 -4.72 -13.23 -8.83
CA PRO A 24 -5.90 -13.61 -9.61
C PRO A 24 -6.50 -12.52 -10.52
N ILE A 25 -5.66 -11.74 -11.19
CA ILE A 25 -6.11 -10.77 -12.19
C ILE A 25 -5.58 -11.20 -13.58
N VAL A 26 -6.13 -12.30 -14.09
CA VAL A 26 -5.63 -12.90 -15.31
C VAL A 26 -6.67 -12.97 -16.43
N LEU A 27 -6.29 -12.59 -17.65
CA LEU A 27 -7.11 -12.89 -18.82
C LEU A 27 -6.95 -14.39 -19.04
N GLN A 28 -7.80 -15.17 -18.36
CA GLN A 28 -7.72 -16.64 -18.46
C GLN A 28 -8.55 -17.19 -19.61
N GLN A 36 2.72 -25.76 -20.44
CA GLN A 36 2.39 -26.00 -19.04
C GLN A 36 3.02 -24.97 -18.13
N ILE A 37 2.62 -25.00 -16.87
CA ILE A 37 3.16 -24.11 -15.88
C ILE A 37 4.63 -24.44 -15.90
N ALA A 38 5.48 -23.46 -16.10
CA ALA A 38 6.77 -23.64 -16.72
C ALA A 38 7.94 -22.95 -16.07
N PRO A 39 8.53 -23.59 -15.08
CA PRO A 39 9.46 -22.77 -14.32
C PRO A 39 10.25 -22.08 -15.40
N GLN A 40 10.14 -20.77 -15.34
CA GLN A 40 10.87 -19.83 -16.17
C GLN A 40 11.85 -19.00 -15.36
N TYR A 41 12.85 -18.41 -16.03
CA TYR A 41 13.84 -17.56 -15.35
C TYR A 41 14.37 -16.43 -16.24
N ARG A 42 15.19 -15.56 -15.66
CA ARG A 42 15.75 -14.40 -16.38
C ARG A 42 16.91 -13.78 -15.65
N ILE A 43 17.85 -13.25 -16.41
CA ILE A 43 19.04 -12.67 -15.84
C ILE A 43 19.18 -11.27 -16.39
N GLN A 44 19.46 -10.32 -15.50
CA GLN A 44 19.75 -8.96 -15.88
C GLN A 44 21.15 -8.75 -15.35
N ARG A 45 22.03 -8.21 -16.16
CA ARG A 45 23.39 -7.87 -15.70
C ARG A 45 23.60 -6.34 -15.71
N LEU A 46 24.21 -5.84 -14.63
CA LEU A 46 24.40 -4.40 -14.42
C LEU A 46 25.85 -4.14 -14.00
N ASP A 47 26.71 -5.05 -14.45
CA ASP A 47 28.14 -4.98 -14.19
C ASP A 47 28.82 -3.90 -14.98
N SER A 48 28.13 -3.36 -15.99
CA SER A 48 28.69 -2.23 -16.73
C SER A 48 27.95 -0.91 -16.40
N TRP A 49 26.98 -0.98 -15.48
CA TRP A 49 26.25 0.21 -14.98
C TRP A 49 27.17 1.20 -14.29
N THR A 50 28.17 0.68 -13.57
CA THR A 50 28.98 1.46 -12.65
C THR A 50 30.45 1.01 -12.70
N ASP A 51 31.33 1.75 -12.04
CA ASP A 51 32.73 1.32 -11.82
C ASP A 51 32.92 0.16 -10.85
N SER A 52 32.06 0.06 -9.85
CA SER A 52 32.42 -0.68 -8.65
C SER A 52 32.79 -2.12 -8.98
N LYS A 53 33.78 -2.66 -8.29
CA LYS A 53 34.09 -4.07 -8.53
C LYS A 53 32.82 -4.83 -8.21
N GLU A 54 32.44 -5.76 -9.08
CA GLU A 54 31.17 -6.47 -8.94
C GLU A 54 31.15 -7.35 -7.70
N ASP A 55 30.01 -7.42 -7.04
CA ASP A 55 29.91 -8.30 -5.87
C ASP A 55 28.80 -9.35 -5.91
N SER A 56 27.61 -9.08 -6.43
CA SER A 56 26.68 -10.15 -6.34
C SER A 56 25.58 -10.38 -7.30
N VAL A 57 24.87 -11.45 -7.06
CA VAL A 57 23.67 -11.72 -7.75
C VAL A 57 22.59 -11.53 -6.72
N PHE A 58 21.71 -10.58 -6.97
CA PHE A 58 20.53 -10.39 -6.17
C PHE A 58 19.51 -11.34 -6.72
N ILE A 59 18.69 -11.93 -5.86
CA ILE A 59 17.66 -12.89 -6.29
C ILE A 59 16.26 -12.42 -5.93
N THR A 60 15.38 -12.39 -6.94
CA THR A 60 13.96 -12.06 -6.76
C THR A 60 13.11 -13.19 -7.29
N THR A 61 12.30 -13.80 -6.43
CA THR A 61 11.50 -14.95 -6.86
C THR A 61 10.05 -14.53 -6.93
N TYR A 62 9.33 -15.11 -7.89
CA TYR A 62 7.88 -14.91 -8.06
C TYR A 62 7.22 -16.28 -8.13
N GLY A 63 6.00 -16.40 -7.63
CA GLY A 63 5.33 -17.67 -7.69
C GLY A 63 3.93 -17.50 -7.25
N PHE A 64 3.41 -18.49 -6.56
CA PHE A 64 2.00 -18.50 -6.21
C PHE A 64 1.86 -19.08 -4.84
N ILE A 65 0.78 -18.68 -4.16
CA ILE A 65 0.50 -19.17 -2.81
C ILE A 65 -0.69 -20.11 -2.83
N PHE A 66 -0.49 -21.28 -2.23
CA PHE A 66 -1.44 -22.39 -2.31
C PHE A 66 -2.05 -22.69 -0.96
N GLN A 67 -3.36 -22.83 -0.94
CA GLN A 67 -3.98 -23.45 0.21
C GLN A 67 -3.82 -24.94 0.00
N VAL A 68 -3.51 -25.64 1.08
CA VAL A 68 -3.36 -27.09 1.03
C VAL A 68 -4.46 -27.77 1.87
N GLY A 69 -5.47 -28.32 1.17
CA GLY A 69 -6.67 -28.92 1.79
C GLY A 69 -7.84 -29.08 0.83
N HIS A 84 -3.72 -28.71 -3.38
CA HIS A 84 -3.16 -27.60 -4.14
C HIS A 84 -4.25 -26.70 -4.68
N GLU A 85 -4.68 -25.71 -3.88
CA GLU A 85 -5.63 -24.67 -4.32
C GLU A 85 -4.98 -23.27 -4.45
N LEU A 86 -4.92 -22.76 -5.68
CA LEU A 86 -4.25 -21.50 -5.97
C LEU A 86 -5.06 -20.31 -5.48
N LEU A 87 -4.43 -19.47 -4.67
CA LEU A 87 -5.11 -18.32 -4.08
C LEU A 87 -4.67 -17.02 -4.76
N SER A 88 -3.36 -16.80 -4.84
CA SER A 88 -2.83 -15.59 -5.46
C SER A 88 -1.40 -15.77 -5.86
N ALA A 89 -0.89 -14.89 -6.72
CA ALA A 89 0.57 -14.79 -6.95
C ALA A 89 1.24 -13.99 -5.82
N ALA A 90 2.57 -14.11 -5.73
CA ALA A 90 3.34 -13.39 -4.70
C ALA A 90 4.72 -13.18 -5.22
N MET A 91 5.50 -12.34 -4.53
CA MET A 91 6.91 -12.20 -4.84
C MET A 91 7.74 -12.28 -3.58
N LEU A 92 8.94 -12.83 -3.68
CA LEU A 92 9.86 -12.82 -2.55
C LEU A 92 11.32 -12.57 -2.95
N CYS A 93 11.88 -11.53 -2.34
CA CYS A 93 13.29 -11.19 -2.50
C CYS A 93 14.10 -11.94 -1.46
N LEU A 94 15.12 -12.67 -1.91
CA LEU A 94 15.95 -13.47 -1.03
C LEU A 94 17.15 -12.71 -0.55
N GLY A 95 17.41 -11.55 -1.15
CA GLY A 95 18.67 -10.85 -0.90
C GLY A 95 19.70 -11.22 -1.98
N SER A 96 20.97 -11.34 -1.60
CA SER A 96 22.00 -11.58 -2.61
C SER A 96 23.01 -12.66 -2.25
N VAL A 97 23.63 -13.26 -3.24
CA VAL A 97 24.71 -14.20 -3.02
C VAL A 97 25.87 -13.93 -3.96
N PRO A 98 27.04 -14.40 -3.57
CA PRO A 98 28.29 -14.11 -4.26
C PRO A 98 28.30 -14.67 -5.66
N ASN A 99 29.05 -14.01 -6.50
CA ASN A 99 29.02 -14.29 -7.91
C ASN A 99 29.97 -15.43 -8.32
N VAL A 100 29.52 -16.69 -8.36
CA VAL A 100 30.41 -17.71 -8.87
C VAL A 100 29.42 -18.74 -9.43
N GLY A 101 29.94 -19.73 -10.16
CA GLY A 101 29.11 -20.79 -10.68
C GLY A 101 28.24 -20.40 -11.86
N ASP A 102 27.56 -21.41 -12.38
CA ASP A 102 26.63 -21.27 -13.48
C ASP A 102 25.38 -20.60 -12.97
N LEU A 103 25.29 -19.27 -13.05
CA LEU A 103 24.10 -18.57 -12.51
C LEU A 103 22.78 -19.12 -13.05
N VAL A 104 22.82 -19.87 -14.16
CA VAL A 104 21.62 -20.50 -14.70
C VAL A 104 21.20 -21.71 -13.85
N GLU A 105 22.17 -22.28 -13.14
CA GLU A 105 21.86 -23.31 -12.13
C GLU A 105 21.54 -22.72 -10.74
N LEU A 106 22.28 -21.69 -10.32
CA LEU A 106 21.96 -20.92 -9.11
C LEU A 106 20.51 -20.48 -9.17
N ALA A 107 19.99 -20.38 -10.40
CA ALA A 107 18.58 -20.09 -10.64
C ALA A 107 17.70 -21.34 -10.53
N ARG A 108 18.09 -22.42 -11.21
CA ARG A 108 17.40 -23.71 -11.07
C ARG A 108 17.28 -24.09 -9.59
N ALA A 109 18.33 -23.77 -8.83
CA ALA A 109 18.39 -24.02 -7.38
C ALA A 109 17.27 -23.31 -6.61
N CYS A 110 16.96 -22.10 -7.07
CA CYS A 110 15.93 -21.30 -6.46
C CYS A 110 14.56 -21.96 -6.58
N LEU A 111 14.34 -22.63 -7.71
CA LEU A 111 13.12 -23.42 -7.92
C LEU A 111 12.88 -24.50 -6.86
N THR A 112 13.94 -24.95 -6.18
CA THR A 112 13.80 -26.11 -5.30
C THR A 112 13.83 -25.77 -3.80
N MET A 113 13.13 -24.72 -3.41
CA MET A 113 12.99 -24.40 -1.99
C MET A 113 11.68 -24.94 -1.45
N VAL A 114 11.64 -25.21 -0.15
CA VAL A 114 10.38 -25.52 0.52
C VAL A 114 10.05 -24.30 1.37
N VAL A 115 8.97 -23.60 1.00
CA VAL A 115 8.60 -22.36 1.66
C VAL A 115 7.16 -22.39 2.14
N THR A 116 6.92 -22.28 3.44
CA THR A 116 5.55 -22.14 3.97
C THR A 116 5.25 -20.65 4.20
N CYS A 117 3.97 -20.25 4.23
CA CYS A 117 3.64 -18.86 4.56
C CYS A 117 2.33 -18.66 5.31
N LYS A 118 2.28 -17.63 6.15
CA LYS A 118 1.09 -17.32 6.97
C LYS A 118 0.90 -15.81 7.00
N LYS A 119 -0.29 -15.35 7.38
CA LYS A 119 -0.54 -13.93 7.61
C LYS A 119 -0.07 -13.60 9.00
N SER A 120 0.36 -12.37 9.20
CA SER A 120 0.55 -11.80 10.51
C SER A 120 0.27 -10.31 10.33
N ALA A 121 0.47 -9.52 11.38
CA ALA A 121 0.38 -8.06 11.29
C ALA A 121 1.08 -7.36 12.45
N THR A 122 1.47 -6.11 12.23
CA THR A 122 1.94 -5.23 13.30
C THR A 122 1.21 -3.89 13.22
N ASP A 123 1.71 -3.03 12.32
CA ASP A 123 0.99 -1.86 11.84
C ASP A 123 0.08 -2.19 10.65
N THR A 124 0.57 -3.03 9.73
CA THR A 124 -0.22 -3.42 8.53
C THR A 124 -0.19 -4.93 8.48
N GLU A 125 -1.03 -5.54 7.62
CA GLU A 125 -0.95 -6.97 7.28
C GLU A 125 0.45 -7.35 6.80
N ARG A 126 0.98 -8.45 7.33
CA ARG A 126 2.26 -9.02 6.88
C ARG A 126 2.08 -10.42 6.29
N MET A 127 2.94 -10.76 5.33
CA MET A 127 3.04 -12.13 4.88
C MET A 127 4.38 -12.64 5.40
N VAL A 128 4.29 -13.74 6.14
CA VAL A 128 5.46 -14.37 6.74
C VAL A 128 5.78 -15.64 5.96
N PHE A 129 6.98 -15.66 5.34
CA PHE A 129 7.49 -16.82 4.63
C PHE A 129 8.50 -17.60 5.47
N SER A 130 8.30 -18.91 5.51
CA SER A 130 9.24 -19.79 6.20
C SER A 130 10.04 -20.58 5.18
N VAL A 131 11.36 -20.40 5.23
CA VAL A 131 12.27 -21.20 4.45
C VAL A 131 12.45 -22.46 5.26
N VAL A 132 11.74 -23.50 4.83
CA VAL A 132 11.76 -24.77 5.52
C VAL A 132 12.98 -25.54 5.03
N GLN A 133 13.26 -25.50 3.73
CA GLN A 133 14.58 -25.93 3.27
C GLN A 133 15.03 -25.32 1.92
N ALA A 134 16.34 -25.28 1.75
CA ALA A 134 16.92 -24.54 0.64
C ALA A 134 18.28 -25.11 0.31
N PRO A 135 18.59 -25.22 -0.98
CA PRO A 135 19.89 -25.69 -1.41
C PRO A 135 21.02 -24.92 -0.73
N GLN A 136 22.18 -25.56 -0.70
CA GLN A 136 23.40 -25.03 -0.09
C GLN A 136 23.95 -23.74 -0.71
N VAL A 137 23.73 -23.58 -2.02
CA VAL A 137 24.18 -22.40 -2.74
C VAL A 137 23.45 -21.13 -2.28
N LEU A 138 22.28 -21.30 -1.66
CA LEU A 138 21.47 -20.18 -1.19
C LEU A 138 21.72 -19.75 0.27
N GLN A 139 22.33 -20.63 1.06
CA GLN A 139 22.48 -20.41 2.52
C GLN A 139 23.15 -19.06 2.88
N SER A 140 23.92 -18.52 1.96
CA SER A 140 24.53 -17.20 2.05
C SER A 140 23.55 -16.02 2.28
N CYS A 141 22.48 -15.93 1.49
CA CYS A 141 21.66 -14.70 1.45
C CYS A 141 20.85 -14.42 2.72
N ARG A 142 20.53 -13.13 2.92
CA ARG A 142 19.74 -12.62 4.05
C ARG A 142 18.57 -13.52 4.46
N VAL A 143 17.76 -13.97 3.50
CA VAL A 143 16.51 -14.64 3.81
C VAL A 143 16.73 -16.10 4.26
N VAL A 144 17.57 -16.85 3.56
CA VAL A 144 17.78 -18.24 3.93
C VAL A 144 18.59 -18.35 5.21
N ALA A 145 19.66 -17.55 5.34
CA ALA A 145 20.37 -17.44 6.63
C ALA A 145 19.37 -17.27 7.74
N ASN A 146 18.52 -16.27 7.64
CA ASN A 146 17.52 -16.05 8.68
C ASN A 146 16.41 -17.08 8.73
N LYS A 147 16.13 -17.75 7.60
CA LYS A 147 15.19 -18.90 7.50
C LYS A 147 13.73 -18.43 7.35
N TYR A 148 13.56 -17.11 7.31
CA TYR A 148 12.24 -16.50 7.29
C TYR A 148 12.28 -15.11 6.65
N SER A 149 11.16 -14.62 6.16
CA SER A 149 11.07 -13.19 5.87
C SER A 149 9.64 -12.73 6.18
N SER A 150 9.53 -11.63 6.90
CA SER A 150 8.23 -11.02 7.17
C SER A 150 8.09 -9.76 6.37
N VAL A 151 7.10 -9.71 5.49
CA VAL A 151 7.03 -8.59 4.58
C VAL A 151 5.65 -8.01 4.51
N ASN A 152 5.61 -6.75 4.06
CA ASN A 152 4.38 -6.03 3.91
C ASN A 152 3.58 -6.77 2.88
N ALA A 153 2.40 -7.20 3.28
CA ALA A 153 1.58 -8.13 2.52
C ALA A 153 1.11 -7.56 1.20
N VAL A 154 0.54 -6.35 1.22
CA VAL A 154 -0.05 -5.81 -0.01
C VAL A 154 1.02 -5.62 -1.09
N LYS A 155 2.26 -5.40 -0.66
CA LYS A 155 3.41 -5.30 -1.57
C LYS A 155 3.94 -6.64 -2.11
N HIS A 156 3.65 -7.75 -1.44
CA HIS A 156 4.22 -9.03 -1.85
C HIS A 156 3.23 -10.09 -2.27
N VAL A 157 1.94 -9.77 -2.16
CA VAL A 157 0.87 -10.72 -2.50
C VAL A 157 -0.11 -9.96 -3.36
N LYS A 158 -0.57 -10.55 -4.47
CA LYS A 158 -1.45 -9.84 -5.39
C LYS A 158 -2.83 -9.53 -4.81
N ALA A 159 -3.49 -10.56 -4.26
CA ALA A 159 -4.75 -10.38 -3.55
C ALA A 159 -4.68 -10.87 -2.09
N PRO A 160 -4.02 -10.09 -1.20
CA PRO A 160 -4.02 -10.50 0.20
C PRO A 160 -5.44 -10.70 0.78
N GLU A 161 -6.45 -9.97 0.27
CA GLU A 161 -7.86 -10.17 0.68
C GLU A 161 -8.39 -11.59 0.42
N LYS A 162 -7.62 -12.36 -0.35
CA LYS A 162 -7.95 -13.74 -0.73
C LYS A 162 -7.21 -14.76 0.16
N ILE A 163 -6.35 -14.32 1.07
CA ILE A 163 -5.57 -15.28 1.87
C ILE A 163 -6.12 -15.48 3.28
N PRO A 164 -6.52 -16.72 3.60
CA PRO A 164 -7.11 -17.01 4.90
C PRO A 164 -6.16 -16.62 6.01
N GLY A 165 -6.71 -16.16 7.14
CA GLY A 165 -5.92 -15.90 8.36
C GLY A 165 -5.41 -17.14 9.11
N SER A 166 -5.75 -18.34 8.64
CA SER A 166 -5.15 -19.55 9.22
C SER A 166 -5.37 -20.80 8.37
N GLY A 167 -4.60 -21.85 8.65
CA GLY A 167 -4.53 -22.97 7.74
C GLY A 167 -3.09 -23.11 7.33
N THR A 168 -2.82 -24.07 6.46
CA THR A 168 -1.46 -24.34 6.01
C THR A 168 -1.37 -23.87 4.57
N LEU A 169 -0.51 -22.87 4.36
CA LEU A 169 -0.32 -22.25 3.04
C LEU A 169 1.10 -22.52 2.59
N GLU A 170 1.24 -22.78 1.29
CA GLU A 170 2.56 -22.96 0.66
C GLU A 170 2.84 -21.89 -0.42
N TYR A 171 4.10 -21.49 -0.55
CA TYR A 171 4.52 -20.61 -1.62
C TYR A 171 5.46 -21.35 -2.54
N LYS A 172 5.04 -21.57 -3.79
CA LYS A 172 5.82 -22.25 -4.81
C LYS A 172 6.55 -21.23 -5.71
N VAL A 173 7.88 -21.20 -5.65
CA VAL A 173 8.69 -20.39 -6.57
C VAL A 173 8.61 -20.99 -7.98
N ASN A 174 8.25 -20.15 -8.94
CA ASN A 174 7.96 -20.59 -10.31
C ASN A 174 8.66 -19.72 -11.36
N PHE A 175 9.40 -18.72 -10.88
CA PHE A 175 10.04 -17.68 -11.72
C PHE A 175 11.21 -17.13 -10.93
N VAL A 176 12.36 -17.04 -11.58
CA VAL A 176 13.54 -16.58 -10.85
C VAL A 176 14.17 -15.48 -11.65
N SER A 177 14.42 -14.37 -11.00
CA SER A 177 14.91 -13.22 -11.68
C SER A 177 16.18 -12.83 -10.98
N LEU A 178 17.29 -12.88 -11.71
CA LEU A 178 18.57 -12.58 -11.12
C LEU A 178 19.05 -11.23 -11.59
N THR A 179 19.85 -10.59 -10.75
CA THR A 179 20.46 -9.34 -11.11
C THR A 179 21.87 -9.31 -10.63
N VAL A 180 22.77 -9.29 -11.59
CA VAL A 180 24.18 -9.27 -11.35
C VAL A 180 24.54 -7.79 -11.24
N VAL A 181 25.04 -7.36 -10.08
CA VAL A 181 25.32 -5.93 -9.80
C VAL A 181 26.10 -5.79 -8.49
N PRO A 182 27.00 -4.79 -8.38
CA PRO A 182 27.64 -4.53 -7.06
C PRO A 182 26.63 -4.12 -5.98
N ARG A 183 26.74 -4.75 -4.80
CA ARG A 183 25.92 -4.40 -3.63
C ARG A 183 26.06 -2.92 -3.26
N LYS A 184 27.30 -2.39 -3.38
CA LYS A 184 27.61 -0.97 -3.16
C LYS A 184 26.69 -0.08 -3.98
N ASP A 185 26.30 -0.56 -5.16
CA ASP A 185 25.53 0.29 -6.07
C ASP A 185 24.03 0.32 -5.81
N VAL A 186 23.50 -0.77 -5.29
CA VAL A 186 22.06 -0.85 -5.00
C VAL A 186 21.79 -0.14 -3.67
N TYR A 187 21.74 1.18 -3.69
CA TYR A 187 21.47 1.97 -2.48
C TYR A 187 20.02 2.43 -2.42
N LYS A 188 19.23 1.89 -1.47
CA LYS A 188 17.94 2.45 -1.06
C LYS A 188 18.21 3.70 -0.26
N ILE A 189 17.63 4.82 -0.66
CA ILE A 189 17.63 5.99 0.20
C ILE A 189 16.84 5.66 1.45
N PRO A 190 17.36 5.99 2.64
CA PRO A 190 16.63 5.67 3.89
C PRO A 190 15.31 6.40 3.97
N THR A 191 14.33 5.83 4.64
CA THR A 191 12.98 6.38 4.64
C THR A 191 12.93 7.80 5.19
N ALA A 192 13.62 8.05 6.29
CA ALA A 192 13.55 9.36 6.92
C ALA A 192 14.11 10.46 6.00
N ALA A 193 15.11 10.12 5.20
CA ALA A 193 15.72 11.14 4.35
C ALA A 193 14.78 11.49 3.19
N LEU A 194 14.06 10.49 2.68
CA LEU A 194 13.00 10.71 1.70
C LEU A 194 11.84 11.55 2.23
N LYS A 195 11.80 11.80 3.54
CA LYS A 195 10.65 12.52 4.07
C LYS A 195 11.01 13.91 4.53
N VAL A 196 12.30 14.19 4.66
CA VAL A 196 12.77 15.54 4.93
C VAL A 196 12.03 16.45 3.95
N SER A 197 11.51 17.55 4.49
CA SER A 197 10.87 18.58 3.70
C SER A 197 11.09 19.87 4.45
N GLY A 198 10.88 21.00 3.78
CA GLY A 198 11.00 22.29 4.43
C GLY A 198 10.67 23.43 3.47
N SER A 199 10.23 24.56 4.02
CA SER A 199 9.85 25.68 3.18
C SER A 199 11.01 26.33 2.38
N SER A 200 12.27 26.11 2.75
CA SER A 200 13.34 26.57 1.86
C SER A 200 14.04 25.43 1.05
N LEU A 201 13.25 24.42 0.70
CA LEU A 201 13.71 23.33 -0.12
C LEU A 201 12.79 23.21 -1.33
N TYR A 202 13.31 22.60 -2.40
CA TYR A 202 12.48 22.18 -3.50
C TYR A 202 12.49 20.70 -3.45
N ASN A 203 11.35 20.09 -3.76
CA ASN A 203 11.21 18.65 -3.89
C ASN A 203 11.61 18.30 -5.33
N LEU A 204 12.68 17.52 -5.50
CA LEU A 204 13.07 17.11 -6.83
C LEU A 204 12.40 15.81 -7.08
N ALA A 205 11.69 15.70 -8.21
CA ALA A 205 10.91 14.53 -8.47
C ALA A 205 10.99 14.15 -9.93
N LEU A 206 10.59 12.93 -10.23
CA LEU A 206 10.52 12.41 -11.58
C LEU A 206 9.09 11.99 -11.96
N ASN A 207 8.56 12.61 -13.02
CA ASN A 207 7.33 12.21 -13.67
C ASN A 207 7.69 11.06 -14.59
N VAL A 208 7.47 9.82 -14.15
CA VAL A 208 7.91 8.67 -14.91
C VAL A 208 6.69 8.04 -15.58
N THR A 209 6.79 7.71 -16.86
CA THR A 209 5.71 6.92 -17.48
C THR A 209 6.30 5.61 -17.98
N ILE A 210 5.55 4.52 -17.88
CA ILE A 210 6.11 3.20 -18.14
C ILE A 210 5.27 2.38 -19.06
N ASP A 211 5.88 1.99 -20.19
CA ASP A 211 5.25 1.19 -21.23
C ASP A 211 5.19 -0.23 -20.79
N VAL A 212 3.98 -0.76 -20.64
CA VAL A 212 3.82 -2.16 -20.28
C VAL A 212 3.19 -2.97 -21.40
N GLU A 213 3.91 -4.00 -21.85
CA GLU A 213 3.38 -4.90 -22.86
C GLU A 213 2.26 -5.74 -22.26
N VAL A 214 1.08 -5.64 -22.83
CA VAL A 214 -0.08 -6.26 -22.23
C VAL A 214 -1.15 -6.62 -23.25
N ASP A 215 -1.64 -7.84 -23.16
CA ASP A 215 -2.73 -8.24 -24.02
C ASP A 215 -3.86 -7.20 -23.95
N PRO A 216 -4.26 -6.66 -25.12
CA PRO A 216 -5.37 -5.71 -25.23
C PRO A 216 -6.71 -6.16 -24.61
N LYS A 217 -6.85 -7.46 -24.32
CA LYS A 217 -8.01 -7.99 -23.56
C LYS A 217 -7.68 -8.43 -22.13
N SER A 218 -6.40 -8.40 -21.75
CA SER A 218 -6.01 -8.66 -20.36
C SER A 218 -6.57 -7.57 -19.44
N PRO A 219 -7.14 -7.96 -18.27
CA PRO A 219 -7.88 -7.03 -17.40
C PRO A 219 -7.07 -5.82 -16.93
N LEU A 220 -5.75 -6.01 -16.86
CA LEU A 220 -4.82 -5.03 -16.35
C LEU A 220 -5.02 -3.69 -17.02
N VAL A 221 -5.58 -3.76 -18.22
CA VAL A 221 -5.72 -2.64 -19.13
C VAL A 221 -6.65 -1.58 -18.58
N LYS A 222 -7.70 -2.00 -17.87
CA LYS A 222 -8.68 -1.06 -17.34
C LYS A 222 -7.96 -0.06 -16.46
N SER A 223 -6.86 -0.51 -15.86
CA SER A 223 -6.18 0.33 -14.88
C SER A 223 -5.06 1.19 -15.47
N LEU A 224 -4.71 0.99 -16.74
CA LEU A 224 -3.58 1.71 -17.29
C LEU A 224 -4.10 2.84 -18.17
N SER A 225 -3.17 3.70 -18.61
CA SER A 225 -3.47 4.76 -19.55
C SER A 225 -3.22 4.25 -20.98
N LYS A 226 -3.99 4.77 -21.93
CA LYS A 226 -4.02 4.28 -23.32
C LYS A 226 -3.33 5.25 -24.27
N SER A 227 -2.63 4.69 -25.24
CA SER A 227 -1.93 5.44 -26.27
C SER A 227 -1.94 4.65 -27.56
N ASP A 228 -1.47 5.27 -28.63
CA ASP A 228 -1.36 4.59 -29.91
C ASP A 228 -0.42 3.42 -29.73
N SER A 229 0.65 3.65 -29.01
CA SER A 229 1.56 2.59 -28.68
C SER A 229 1.21 1.80 -27.40
N GLY A 230 -0.02 1.29 -27.35
CA GLY A 230 -0.56 0.62 -26.17
C GLY A 230 -0.75 1.40 -24.89
N TYR A 231 -0.23 0.73 -23.91
CA TYR A 231 -0.76 1.25 -22.65
C TYR A 231 0.43 1.45 -21.76
N TYR A 232 0.32 2.40 -20.85
CA TYR A 232 1.39 2.79 -20.01
C TYR A 232 0.86 3.12 -18.65
N ALA A 233 1.73 2.97 -17.69
CA ALA A 233 1.47 3.32 -16.27
C ALA A 233 2.22 4.58 -15.80
N ASN A 234 1.65 5.27 -14.82
CA ASN A 234 2.24 6.50 -14.33
C ASN A 234 2.72 6.39 -12.92
N LEU A 235 3.84 7.05 -12.66
CA LEU A 235 4.56 6.94 -11.41
C LEU A 235 5.26 8.27 -11.20
N PHE A 236 5.07 8.83 -9.99
CA PHE A 236 5.64 10.11 -9.62
C PHE A 236 6.59 9.85 -8.47
N LEU A 237 7.86 10.17 -8.66
CA LEU A 237 8.85 9.58 -7.76
C LEU A 237 9.71 10.67 -7.16
N HIS A 238 9.74 10.78 -5.83
CA HIS A 238 10.60 11.78 -5.15
C HIS A 238 12.00 11.28 -5.07
N ILE A 239 12.97 12.15 -5.38
CA ILE A 239 14.28 11.75 -5.84
C ILE A 239 15.43 12.60 -5.24
N GLY A 240 15.10 13.66 -4.52
CA GLY A 240 16.13 14.55 -4.03
C GLY A 240 15.56 15.86 -3.56
N LEU A 241 16.45 16.67 -2.97
CA LEU A 241 16.12 17.99 -2.43
C LEU A 241 17.08 18.98 -3.04
N MET A 242 16.62 20.21 -3.23
CA MET A 242 17.52 21.26 -3.64
C MET A 242 17.15 22.48 -2.85
N SER A 243 18.10 23.38 -2.67
CA SER A 243 17.87 24.59 -1.89
C SER A 243 17.12 25.69 -2.68
N THR A 244 16.27 26.45 -2.02
CA THR A 244 15.62 27.57 -2.67
C THR A 244 16.53 28.78 -2.70
N VAL A 245 17.51 28.83 -1.81
CA VAL A 245 18.41 29.98 -1.74
C VAL A 245 19.88 29.60 -1.84
N ASP A 246 20.74 30.60 -2.01
CA ASP A 246 22.19 30.38 -1.91
C ASP A 246 22.97 31.68 -1.78
N LYS A 247 24.09 31.66 -1.07
CA LYS A 247 24.35 30.72 0.01
C LYS A 247 24.43 31.66 1.19
N LYS A 248 23.66 31.41 2.24
CA LYS A 248 23.38 32.47 3.19
C LYS A 248 22.70 33.52 2.31
N GLY A 249 21.83 33.01 1.43
CA GLY A 249 21.30 33.67 0.26
C GLY A 249 19.86 34.14 0.11
N LYS A 250 19.71 34.45 -1.14
CA LYS A 250 18.54 34.75 -1.80
C LYS A 250 18.73 33.63 -2.74
N LYS A 251 17.66 32.93 -2.94
CA LYS A 251 16.80 32.92 -4.06
C LYS A 251 17.58 32.58 -5.26
N VAL A 252 17.94 31.31 -5.32
CA VAL A 252 18.49 30.75 -6.49
C VAL A 252 17.44 30.98 -7.54
N THR A 253 17.84 31.44 -8.70
CA THR A 253 16.94 31.66 -9.78
C THR A 253 16.75 30.33 -10.44
N PHE A 254 15.69 30.16 -11.18
CA PHE A 254 15.52 28.89 -11.87
C PHE A 254 16.69 28.53 -12.80
N ASP A 255 17.29 29.53 -13.45
CA ASP A 255 18.37 29.24 -14.39
C ASP A 255 19.48 28.50 -13.64
N LYS A 256 19.75 28.91 -12.40
CA LYS A 256 20.72 28.20 -11.57
C LYS A 256 20.30 26.76 -11.27
N LEU A 257 19.01 26.56 -11.01
CA LEU A 257 18.47 25.22 -10.72
C LEU A 257 18.39 24.34 -11.96
N GLU A 258 18.01 24.91 -13.10
CA GLU A 258 18.08 24.16 -14.36
C GLU A 258 19.50 23.71 -14.78
N ARG A 259 20.51 24.57 -14.51
CA ARG A 259 21.92 24.23 -14.71
C ARG A 259 22.39 23.07 -13.80
N LYS A 260 21.98 23.04 -12.53
CA LYS A 260 22.50 22.04 -11.57
C LYS A 260 21.94 20.67 -11.88
N ILE A 261 20.74 20.66 -12.44
CA ILE A 261 20.08 19.44 -12.80
C ILE A 261 20.64 18.92 -14.11
N ARG A 262 20.84 19.82 -15.08
CA ARG A 262 21.50 19.45 -16.31
C ARG A 262 22.83 18.76 -15.98
N ARG A 263 23.61 19.42 -15.11
CA ARG A 263 24.85 18.84 -14.53
C ARG A 263 24.70 17.44 -13.89
N LEU A 264 23.77 17.30 -12.95
CA LEU A 264 23.54 16.02 -12.32
C LEU A 264 23.53 14.90 -13.36
N ASP A 265 22.96 15.19 -14.53
CA ASP A 265 23.09 14.33 -15.71
C ASP A 265 22.52 12.94 -15.41
N LEU A 266 21.26 12.94 -15.01
CA LEU A 266 20.58 11.73 -14.59
C LEU A 266 20.34 10.73 -15.70
N SER A 267 20.55 9.46 -15.39
CA SER A 267 20.13 8.40 -16.29
C SER A 267 19.30 7.41 -15.53
N VAL A 268 18.16 7.03 -16.09
CA VAL A 268 17.19 6.23 -15.34
C VAL A 268 16.87 4.91 -16.05
N GLY A 269 16.76 3.81 -15.29
CA GLY A 269 16.46 2.47 -15.87
C GLY A 269 15.48 1.64 -15.03
N LEU A 270 15.02 0.50 -15.57
CA LEU A 270 14.24 -0.48 -14.78
C LEU A 270 15.04 -1.72 -14.43
N SER A 271 14.68 -2.33 -13.32
CA SER A 271 15.32 -3.53 -12.80
C SER A 271 14.45 -4.17 -11.74
N ASP A 272 14.78 -5.42 -11.45
CA ASP A 272 14.12 -6.27 -10.49
C ASP A 272 14.96 -6.41 -9.24
N VAL A 273 16.05 -5.68 -9.13
CA VAL A 273 17.01 -5.95 -8.06
C VAL A 273 16.29 -6.17 -6.75
N LEU A 274 15.33 -5.30 -6.45
CA LEU A 274 14.63 -5.35 -5.17
C LEU A 274 13.15 -5.44 -5.42
N GLY A 275 12.73 -6.47 -6.18
CA GLY A 275 11.43 -6.40 -6.83
C GLY A 275 11.48 -5.22 -7.81
N PRO A 276 10.43 -5.03 -8.61
CA PRO A 276 10.58 -3.97 -9.61
C PRO A 276 11.07 -2.67 -9.01
N SER A 277 12.20 -2.18 -9.52
CA SER A 277 12.72 -0.90 -9.09
C SER A 277 13.00 0.05 -10.27
N VAL A 278 13.12 1.32 -9.91
CA VAL A 278 13.58 2.35 -10.79
C VAL A 278 15.02 2.59 -10.36
N LEU A 279 15.93 2.47 -11.32
CA LEU A 279 17.35 2.73 -11.06
C LEU A 279 17.69 4.13 -11.52
N VAL A 280 18.29 4.92 -10.65
CA VAL A 280 18.64 6.28 -11.01
C VAL A 280 20.13 6.46 -10.86
N LYS A 281 20.78 6.98 -11.89
CA LYS A 281 22.20 7.29 -11.80
C LYS A 281 22.44 8.78 -12.13
N ALA A 282 23.20 9.46 -11.27
CA ALA A 282 23.75 10.80 -11.54
C ALA A 282 25.22 10.70 -12.00
N ARG A 283 25.49 11.16 -13.22
CA ARG A 283 26.82 11.10 -13.78
C ARG A 283 27.60 12.35 -13.40
N GLY A 284 26.90 13.46 -13.21
CA GLY A 284 27.54 14.69 -12.80
C GLY A 284 27.50 14.87 -11.30
N ALA A 285 28.13 15.94 -10.83
CA ALA A 285 28.29 16.23 -9.39
C ALA A 285 26.98 16.46 -8.70
N ARG A 286 26.90 16.00 -7.46
CA ARG A 286 25.81 16.35 -6.55
C ARG A 286 26.16 17.58 -5.76
N THR A 287 25.14 18.40 -5.49
CA THR A 287 25.25 19.53 -4.59
C THR A 287 25.15 18.94 -3.18
N ARG A 288 25.34 19.79 -2.18
CA ARG A 288 25.21 19.39 -0.79
C ARG A 288 23.89 18.62 -0.51
N LEU A 289 22.74 19.23 -0.73
CA LEU A 289 21.45 18.56 -0.43
C LEU A 289 21.18 17.30 -1.23
N LEU A 290 21.68 17.25 -2.45
CA LEU A 290 21.39 16.12 -3.30
C LEU A 290 22.15 14.88 -2.92
N ALA A 291 23.29 15.10 -2.24
CA ALA A 291 24.25 14.03 -1.92
C ALA A 291 23.74 12.77 -1.21
N PRO A 292 22.96 12.92 -0.11
CA PRO A 292 22.39 11.72 0.52
C PRO A 292 21.44 10.94 -0.41
N PHE A 293 21.08 11.49 -1.55
CA PHE A 293 20.13 10.80 -2.42
C PHE A 293 20.83 9.88 -3.43
N PHE A 294 22.15 9.81 -3.38
CA PHE A 294 22.96 8.92 -4.25
C PHE A 294 24.06 8.20 -3.47
N SER A 295 24.34 6.94 -3.81
CA SER A 295 25.52 6.19 -3.34
C SER A 295 26.78 6.91 -3.79
N SER A 296 27.94 6.55 -3.26
CA SER A 296 29.15 7.25 -3.69
C SER A 296 29.63 6.82 -5.09
N SER A 297 28.96 5.82 -5.68
CA SER A 297 29.07 5.61 -7.13
C SER A 297 27.96 6.34 -7.91
N GLY A 298 27.11 7.09 -7.21
CA GLY A 298 26.18 8.01 -7.84
C GLY A 298 24.86 7.38 -8.25
N THR A 299 24.54 6.23 -7.63
CA THR A 299 23.43 5.40 -8.04
C THR A 299 22.45 5.47 -6.92
N ALA A 300 21.21 5.08 -7.21
CA ALA A 300 20.16 4.96 -6.18
C ALA A 300 19.07 4.05 -6.73
N CYS A 301 18.50 3.27 -5.83
CA CYS A 301 17.53 2.26 -6.22
C CYS A 301 16.22 2.48 -5.46
N TYR A 302 15.12 2.69 -6.20
CA TYR A 302 13.79 2.97 -5.62
C TYR A 302 12.90 1.78 -5.93
N PRO A 303 12.76 0.84 -4.97
CA PRO A 303 11.78 -0.22 -5.17
C PRO A 303 10.43 0.41 -5.45
N ILE A 304 9.77 -0.01 -6.52
CA ILE A 304 8.51 0.59 -6.88
C ILE A 304 7.39 0.17 -5.90
N SER A 305 7.60 -0.96 -5.26
CA SER A 305 6.77 -1.51 -4.19
C SER A 305 6.48 -0.43 -3.13
N ASN A 306 7.51 0.38 -2.82
CA ASN A 306 7.35 1.47 -1.87
C ASN A 306 6.74 2.69 -2.56
N ALA A 307 7.23 3.02 -3.76
CA ALA A 307 6.75 4.20 -4.47
C ALA A 307 5.33 4.08 -4.95
N SER A 308 4.98 2.99 -5.62
CA SER A 308 3.60 2.77 -6.05
C SER A 308 3.25 1.27 -6.07
N PRO A 309 2.72 0.72 -4.97
CA PRO A 309 2.52 -0.73 -4.91
C PRO A 309 1.75 -1.35 -6.11
N GLN A 310 0.82 -0.61 -6.73
CA GLN A 310 -0.01 -1.20 -7.79
C GLN A 310 0.75 -1.35 -9.10
N VAL A 311 1.72 -0.47 -9.30
CA VAL A 311 2.57 -0.45 -10.46
C VAL A 311 3.58 -1.60 -10.31
N ALA A 312 4.18 -1.71 -9.13
CA ALA A 312 5.14 -2.76 -8.91
C ALA A 312 4.48 -4.10 -9.22
N LYS A 313 3.25 -4.31 -8.76
CA LYS A 313 2.55 -5.60 -8.99
C LYS A 313 2.19 -5.88 -10.47
N ILE A 314 1.90 -4.83 -11.24
CA ILE A 314 1.73 -4.96 -12.68
C ILE A 314 3.03 -5.44 -13.32
N LEU A 315 4.17 -4.87 -12.92
CA LEU A 315 5.44 -5.34 -13.47
C LEU A 315 5.89 -6.76 -12.99
N TRP A 316 5.12 -7.40 -12.10
CA TRP A 316 5.37 -8.83 -11.86
C TRP A 316 5.21 -9.71 -13.09
N SER A 317 4.16 -9.42 -13.87
CA SER A 317 3.66 -10.31 -14.92
C SER A 317 3.90 -9.77 -16.33
N GLN A 318 4.02 -8.47 -16.45
CA GLN A 318 4.22 -7.91 -17.76
C GLN A 318 5.68 -7.50 -17.86
N THR A 319 6.17 -7.48 -19.08
CA THR A 319 7.44 -6.89 -19.39
C THR A 319 7.14 -5.42 -19.68
N ALA A 320 8.16 -4.60 -19.63
CA ALA A 320 7.91 -3.18 -19.57
C ALA A 320 9.24 -2.50 -19.68
N ARG A 321 9.18 -1.26 -20.11
CA ARG A 321 10.33 -0.40 -20.31
C ARG A 321 9.89 1.03 -20.15
N LEU A 322 10.85 1.90 -19.88
CA LEU A 322 10.57 3.31 -19.60
C LEU A 322 10.03 3.96 -20.84
N ARG A 323 8.93 4.67 -20.71
CA ARG A 323 8.46 5.45 -21.86
C ARG A 323 9.01 6.89 -21.83
N SER A 324 8.84 7.60 -20.72
CA SER A 324 9.45 8.93 -20.57
C SER A 324 9.69 9.22 -19.09
N VAL A 325 10.72 9.98 -18.83
CA VAL A 325 11.07 10.36 -17.47
C VAL A 325 11.29 11.85 -17.50
N LYS A 326 10.48 12.62 -16.77
CA LYS A 326 10.68 14.08 -16.73
C LYS A 326 11.04 14.56 -15.31
N VAL A 327 11.99 15.49 -15.23
CA VAL A 327 12.49 16.04 -13.96
C VAL A 327 11.71 17.28 -13.60
N ILE A 328 11.01 17.20 -12.47
CA ILE A 328 10.02 18.18 -12.01
C ILE A 328 10.51 18.78 -10.70
N ILE A 329 10.52 20.11 -10.59
CA ILE A 329 10.71 20.76 -9.29
C ILE A 329 9.34 21.09 -8.72
N GLN A 330 9.07 20.59 -7.51
CA GLN A 330 7.83 20.90 -6.79
C GLN A 330 8.30 21.70 -5.59
N ALA A 331 7.36 22.43 -4.99
CA ALA A 331 7.61 23.21 -3.78
C ALA A 331 8.00 22.22 -2.69
N GLY A 332 8.53 22.72 -1.58
CA GLY A 332 9.31 21.88 -0.66
C GLY A 332 8.51 21.29 0.49
N THR A 333 7.26 21.74 0.65
CA THR A 333 6.33 21.09 1.55
C THR A 333 5.05 20.80 0.80
N GLN A 334 4.39 19.73 1.21
CA GLN A 334 3.07 19.33 0.72
C GLN A 334 2.05 20.49 0.75
N ARG A 335 2.03 21.29 1.83
CA ARG A 335 1.15 22.45 1.87
C ARG A 335 1.39 23.41 0.71
N ALA A 336 2.66 23.72 0.45
CA ALA A 336 2.98 24.66 -0.62
C ALA A 336 2.81 23.93 -1.98
N VAL A 337 3.05 22.63 -2.05
CA VAL A 337 2.74 21.94 -3.33
C VAL A 337 1.30 22.21 -3.80
N ALA A 338 0.36 22.28 -2.84
CA ALA A 338 -1.06 22.50 -3.14
C ALA A 338 -1.33 23.83 -3.82
N VAL A 339 -0.46 24.81 -3.64
CA VAL A 339 -0.71 26.17 -4.16
C VAL A 339 0.38 26.56 -5.17
N THR A 340 1.37 25.69 -5.37
CA THR A 340 2.43 26.09 -6.29
C THR A 340 2.58 25.17 -7.50
N ALA A 341 2.50 25.77 -8.69
CA ALA A 341 2.54 25.05 -9.99
C ALA A 341 3.87 24.31 -10.16
N ASP A 342 3.81 23.05 -10.52
CA ASP A 342 5.04 22.28 -10.80
C ASP A 342 5.83 22.92 -11.90
N HIS A 343 7.13 22.70 -11.86
CA HIS A 343 8.01 23.19 -12.88
C HIS A 343 8.78 22.06 -13.53
N GLU A 344 8.44 21.72 -14.77
CA GLU A 344 9.20 20.69 -15.52
C GLU A 344 10.58 21.24 -15.93
N VAL A 345 11.66 20.57 -15.54
CA VAL A 345 12.97 21.15 -15.86
C VAL A 345 13.47 20.55 -17.18
N THR A 346 13.53 19.22 -17.24
CA THR A 346 14.11 18.57 -18.40
C THR A 346 13.74 17.09 -18.39
N SER A 347 14.10 16.40 -19.47
CA SER A 347 14.05 14.96 -19.60
C SER A 347 15.30 14.38 -19.00
N THR A 348 15.24 13.13 -18.55
CA THR A 348 16.47 12.37 -18.25
C THR A 348 16.84 11.48 -19.47
N LYS A 349 18.05 10.91 -19.50
CA LYS A 349 18.30 9.77 -20.39
C LYS A 349 17.53 8.54 -19.89
N ILE A 350 16.97 7.76 -20.81
CA ILE A 350 16.37 6.47 -20.49
C ILE A 350 17.36 5.38 -20.87
N GLU A 351 17.78 4.62 -19.87
CA GLU A 351 18.74 3.55 -20.01
C GLU A 351 18.05 2.38 -20.71
N LYS A 352 17.91 2.42 -22.05
CA LYS A 352 17.02 1.48 -22.77
C LYS A 352 17.36 -0.03 -22.70
N ARG A 353 18.55 -0.37 -22.20
CA ARG A 353 18.89 -1.77 -21.91
C ARG A 353 18.32 -2.23 -20.54
N HIS A 354 17.99 -1.28 -19.67
CA HIS A 354 17.44 -1.59 -18.32
C HIS A 354 15.94 -1.67 -18.31
N THR A 355 15.41 -2.89 -18.45
CA THR A 355 13.95 -3.08 -18.57
C THR A 355 13.46 -4.20 -17.59
N ILE A 356 12.15 -4.38 -17.45
CA ILE A 356 11.59 -5.58 -16.82
C ILE A 356 11.49 -6.59 -17.95
N ALA A 357 12.46 -7.50 -18.02
CA ALA A 357 12.72 -8.27 -19.23
C ALA A 357 12.02 -9.63 -19.22
N LYS A 358 11.58 -10.07 -20.40
CA LYS A 358 10.84 -11.33 -20.54
C LYS A 358 11.61 -12.52 -19.96
N TYR A 359 10.86 -13.50 -19.42
CA TYR A 359 11.44 -14.75 -18.87
C TYR A 359 11.75 -15.75 -20.00
N ASN A 360 12.44 -16.83 -19.67
CA ASN A 360 12.68 -17.98 -20.59
C ASN A 360 12.41 -19.32 -19.94
N PRO A 361 12.05 -20.35 -20.76
CA PRO A 361 12.05 -21.74 -20.32
C PRO A 361 13.41 -22.17 -19.72
N PHE A 362 13.40 -23.27 -18.97
CA PHE A 362 14.61 -23.80 -18.32
C PHE A 362 15.27 -24.97 -19.08
N SER B 17 -24.93 1.32 -7.69
CA SER B 17 -24.62 2.76 -8.07
C SER B 17 -23.36 3.28 -7.36
N SER B 18 -23.33 3.13 -6.03
CA SER B 18 -22.06 3.27 -5.29
C SER B 18 -21.06 2.21 -5.75
N ASN B 19 -21.50 1.29 -6.62
CA ASN B 19 -20.61 0.28 -7.20
C ASN B 19 -19.59 0.87 -8.19
N LEU B 20 -19.86 2.08 -8.67
CA LEU B 20 -18.93 2.72 -9.60
C LEU B 20 -17.65 3.22 -8.89
N LEU B 21 -17.65 3.22 -7.55
CA LEU B 21 -16.45 3.57 -6.77
C LEU B 21 -15.35 2.52 -6.95
N ALA B 22 -15.65 1.49 -7.73
CA ALA B 22 -14.67 0.51 -8.14
C ALA B 22 -13.93 0.95 -9.42
N PHE B 23 -14.36 2.06 -10.03
CA PHE B 23 -13.75 2.52 -11.28
C PHE B 23 -12.28 2.85 -11.08
N PRO B 24 -11.42 2.39 -12.02
CA PRO B 24 -11.79 1.79 -13.29
C PRO B 24 -11.99 0.29 -13.28
N ILE B 25 -11.91 -0.35 -12.11
CA ILE B 25 -12.11 -1.82 -12.07
C ILE B 25 -13.61 -2.22 -12.14
N VAL B 26 -14.16 -2.12 -13.35
CA VAL B 26 -15.56 -2.42 -13.63
C VAL B 26 -15.74 -3.24 -14.92
N GLN B 36 -26.84 10.20 -15.29
CA GLN B 36 -27.44 8.94 -14.85
C GLN B 36 -26.71 8.41 -13.62
N ILE B 37 -26.30 9.33 -12.75
CA ILE B 37 -25.46 9.01 -11.60
C ILE B 37 -25.62 10.01 -10.43
N ALA B 38 -26.64 9.77 -9.61
CA ALA B 38 -27.12 10.69 -8.55
C ALA B 38 -26.11 10.83 -7.41
N PRO B 39 -26.08 12.00 -6.76
CA PRO B 39 -25.30 12.06 -5.53
C PRO B 39 -25.99 11.31 -4.39
N GLN B 40 -25.20 10.60 -3.59
CA GLN B 40 -25.75 9.79 -2.50
C GLN B 40 -25.12 10.17 -1.18
N TYR B 41 -25.77 9.81 -0.07
CA TYR B 41 -25.25 10.03 1.27
C TYR B 41 -25.66 8.83 2.16
N ARG B 42 -25.01 8.71 3.33
CA ARG B 42 -25.40 7.72 4.35
C ARG B 42 -24.88 8.26 5.68
N ILE B 43 -25.67 8.05 6.72
CA ILE B 43 -25.28 8.42 8.07
C ILE B 43 -25.19 7.19 8.97
N GLN B 44 -24.11 7.09 9.72
CA GLN B 44 -24.00 6.07 10.76
C GLN B 44 -23.95 6.73 12.14
N ARG B 45 -24.80 6.25 13.06
CA ARG B 45 -24.88 6.81 14.41
C ARG B 45 -24.11 5.87 15.32
N LEU B 46 -23.15 6.41 16.08
CA LEU B 46 -22.35 5.64 17.05
C LEU B 46 -22.58 6.10 18.47
N ASP B 47 -23.67 6.82 18.66
CA ASP B 47 -23.95 7.52 19.91
C ASP B 47 -23.99 6.52 21.06
N SER B 48 -24.32 5.26 20.71
CA SER B 48 -24.59 4.24 21.72
C SER B 48 -23.38 3.37 22.06
N TRP B 49 -22.37 3.49 21.22
CA TRP B 49 -21.21 2.65 21.27
C TRP B 49 -20.62 2.83 22.61
N THR B 50 -20.60 4.04 23.11
CA THR B 50 -20.08 4.25 24.42
C THR B 50 -21.03 5.23 25.01
N ASP B 51 -20.96 5.48 26.30
CA ASP B 51 -21.85 6.46 26.89
C ASP B 51 -21.22 7.81 26.75
N SER B 52 -20.07 7.88 26.09
CA SER B 52 -19.43 9.15 25.84
C SER B 52 -20.43 9.93 25.01
N LYS B 53 -20.48 11.23 25.22
CA LYS B 53 -21.54 12.03 24.63
C LYS B 53 -21.32 12.30 23.17
N GLU B 54 -22.31 12.10 22.33
CA GLU B 54 -22.12 12.31 20.91
C GLU B 54 -21.73 13.75 20.74
N ASP B 55 -20.75 14.06 19.93
CA ASP B 55 -20.42 15.48 19.84
C ASP B 55 -19.89 15.89 18.47
N SER B 56 -19.64 14.91 17.62
CA SER B 56 -18.94 15.19 16.38
C SER B 56 -19.54 14.39 15.25
N VAL B 57 -19.31 14.89 14.04
CA VAL B 57 -19.73 14.23 12.82
C VAL B 57 -18.51 14.19 11.90
N PHE B 58 -18.01 12.98 11.66
CA PHE B 58 -16.88 12.78 10.78
C PHE B 58 -17.40 12.70 9.37
N ILE B 59 -16.66 13.28 8.43
CA ILE B 59 -17.08 13.28 7.02
C ILE B 59 -16.05 12.60 6.13
N THR B 60 -16.48 11.57 5.40
CA THR B 60 -15.65 10.93 4.40
C THR B 60 -16.33 11.08 3.11
N THR B 61 -15.64 11.71 2.16
CA THR B 61 -16.22 11.80 0.84
C THR B 61 -15.57 10.78 -0.09
N TYR B 62 -16.34 10.38 -1.10
CA TYR B 62 -15.87 9.51 -2.20
C TYR B 62 -16.29 10.20 -3.50
N GLY B 63 -15.59 9.91 -4.59
CA GLY B 63 -15.91 10.46 -5.88
C GLY B 63 -14.89 10.10 -6.90
N PHE B 64 -14.66 11.04 -7.81
CA PHE B 64 -13.91 10.74 -9.01
C PHE B 64 -12.94 11.81 -9.36
N ILE B 65 -11.81 11.35 -9.89
CA ILE B 65 -10.77 12.20 -10.43
C ILE B 65 -10.93 12.30 -11.95
N PHE B 66 -11.22 13.51 -12.40
CA PHE B 66 -11.33 13.85 -13.81
C PHE B 66 -10.11 14.63 -14.29
N GLN B 67 -9.68 14.35 -15.51
CA GLN B 67 -8.71 15.12 -16.21
C GLN B 67 -9.48 16.23 -16.95
N VAL B 68 -9.30 17.46 -16.50
CA VAL B 68 -10.06 18.60 -17.02
C VAL B 68 -9.56 18.98 -18.41
N GLY B 69 -10.44 18.89 -19.40
CA GLY B 69 -10.14 19.34 -20.77
C GLY B 69 -9.08 18.52 -21.51
N LYS B 83 -11.86 14.65 -23.79
CA LYS B 83 -11.72 15.95 -23.11
C LYS B 83 -11.81 15.76 -21.58
N HIS B 84 -12.98 16.04 -20.98
CA HIS B 84 -13.28 15.77 -19.56
C HIS B 84 -13.39 14.26 -19.37
N GLU B 85 -12.38 13.66 -18.75
CA GLU B 85 -12.27 12.18 -18.68
C GLU B 85 -12.04 11.63 -17.26
N LEU B 86 -12.92 10.68 -16.88
CA LEU B 86 -12.90 9.98 -15.61
C LEU B 86 -11.67 9.10 -15.52
N LEU B 87 -10.76 9.41 -14.58
CA LEU B 87 -9.57 8.58 -14.37
C LEU B 87 -9.77 7.47 -13.35
N SER B 88 -10.38 7.78 -12.21
CA SER B 88 -10.34 6.83 -11.12
C SER B 88 -11.26 7.32 -10.04
N ALA B 89 -11.81 6.37 -9.29
CA ALA B 89 -12.52 6.65 -8.07
C ALA B 89 -11.48 7.10 -7.08
N ALA B 90 -11.88 7.90 -6.09
CA ALA B 90 -10.99 8.35 -5.00
C ALA B 90 -11.78 8.58 -3.71
N MET B 91 -11.07 8.58 -2.57
CA MET B 91 -11.66 8.88 -1.28
C MET B 91 -10.92 10.01 -0.57
N LEU B 92 -11.66 10.86 0.15
CA LEU B 92 -11.06 11.95 0.84
C LEU B 92 -11.80 12.23 2.13
N CYS B 93 -11.16 11.92 3.27
CA CYS B 93 -11.67 12.32 4.61
C CYS B 93 -11.46 13.80 4.81
N LEU B 94 -12.44 14.47 5.41
CA LEU B 94 -12.38 15.92 5.58
C LEU B 94 -12.05 16.28 7.02
N GLY B 95 -12.06 15.29 7.90
CA GLY B 95 -12.02 15.57 9.35
C GLY B 95 -13.43 15.57 9.95
N SER B 96 -13.69 16.43 10.94
CA SER B 96 -15.00 16.42 11.56
C SER B 96 -15.48 17.81 11.94
N VAL B 97 -16.80 17.93 12.11
CA VAL B 97 -17.44 19.17 12.50
C VAL B 97 -18.35 18.88 13.68
N PRO B 98 -18.82 19.93 14.37
CA PRO B 98 -19.71 19.67 15.50
C PRO B 98 -21.07 19.07 15.09
N ASN B 99 -21.60 18.17 15.94
CA ASN B 99 -22.94 17.61 15.69
C ASN B 99 -24.10 18.60 15.95
N VAL B 100 -24.59 19.21 14.89
CA VAL B 100 -25.63 20.25 14.94
C VAL B 100 -26.42 20.22 13.63
N GLY B 101 -27.66 20.71 13.66
CA GLY B 101 -28.45 20.94 12.45
C GLY B 101 -28.96 19.71 11.72
N ASP B 102 -29.50 19.93 10.53
CA ASP B 102 -29.95 18.81 9.73
C ASP B 102 -28.70 18.19 9.13
N LEU B 103 -28.50 16.92 9.45
CA LEU B 103 -27.32 16.22 9.02
C LEU B 103 -27.40 15.89 7.55
N VAL B 104 -28.61 15.84 7.01
CA VAL B 104 -28.77 15.58 5.59
C VAL B 104 -28.38 16.84 4.84
N GLU B 105 -28.66 17.99 5.48
CA GLU B 105 -28.18 19.28 4.97
C GLU B 105 -26.66 19.34 4.89
N LEU B 106 -26.01 19.00 6.01
CA LEU B 106 -24.57 18.96 6.13
C LEU B 106 -24.03 18.14 4.95
N ALA B 107 -24.70 17.04 4.64
CA ALA B 107 -24.26 16.18 3.55
C ALA B 107 -24.43 16.87 2.18
N ARG B 108 -25.60 17.46 1.94
CA ARG B 108 -25.81 18.31 0.76
C ARG B 108 -24.66 19.28 0.60
N ALA B 109 -24.41 20.08 1.63
CA ALA B 109 -23.28 21.05 1.63
C ALA B 109 -21.95 20.42 1.20
N CYS B 110 -21.70 19.17 1.55
CA CYS B 110 -20.44 18.55 1.17
C CYS B 110 -20.25 18.43 -0.35
N LEU B 111 -21.33 18.33 -1.11
CA LEU B 111 -21.28 18.32 -2.59
C LEU B 111 -20.85 19.63 -3.25
N THR B 112 -20.94 20.75 -2.55
CA THR B 112 -20.61 22.04 -3.20
C THR B 112 -19.15 22.42 -3.04
N MET B 113 -18.34 21.49 -2.54
CA MET B 113 -16.92 21.74 -2.46
C MET B 113 -16.34 21.72 -3.83
N VAL B 114 -15.36 22.58 -4.06
CA VAL B 114 -14.63 22.53 -5.31
C VAL B 114 -13.20 22.21 -4.94
N VAL B 115 -12.71 21.09 -5.50
CA VAL B 115 -11.45 20.54 -5.10
C VAL B 115 -10.70 20.14 -6.35
N THR B 116 -9.42 20.50 -6.40
CA THR B 116 -8.55 19.92 -7.42
C THR B 116 -7.44 19.11 -6.78
N CYS B 117 -6.68 18.39 -7.62
CA CYS B 117 -5.64 17.53 -7.09
C CYS B 117 -4.50 17.28 -8.06
N LYS B 118 -3.37 16.84 -7.51
CA LYS B 118 -2.18 16.54 -8.32
C LYS B 118 -1.33 15.48 -7.59
N LYS B 119 -0.55 14.72 -8.33
CA LYS B 119 0.45 13.82 -7.70
C LYS B 119 1.58 14.62 -7.04
N SER B 120 2.06 14.14 -5.90
CA SER B 120 3.35 14.55 -5.34
C SER B 120 3.97 13.21 -4.81
N ALA B 121 5.07 13.30 -4.08
CA ALA B 121 5.66 12.15 -3.38
C ALA B 121 6.58 12.57 -2.23
N THR B 122 6.77 11.69 -1.25
CA THR B 122 7.80 11.88 -0.22
C THR B 122 8.69 10.63 -0.15
N ASP B 123 8.26 9.67 0.66
CA ASP B 123 8.74 8.29 0.58
C ASP B 123 7.84 7.42 -0.32
N THR B 124 6.61 7.86 -0.57
CA THR B 124 5.75 7.14 -1.50
C THR B 124 4.96 8.19 -2.26
N GLU B 125 4.23 7.74 -3.28
CA GLU B 125 3.39 8.60 -4.05
C GLU B 125 2.29 9.20 -3.16
N ARG B 126 2.04 10.50 -3.35
CA ARG B 126 0.96 11.17 -2.66
C ARG B 126 0.00 11.76 -3.66
N MET B 127 -1.24 11.94 -3.25
CA MET B 127 -2.15 12.77 -3.99
C MET B 127 -2.40 14.04 -3.16
N VAL B 128 -2.26 15.20 -3.78
CA VAL B 128 -2.44 16.43 -3.06
C VAL B 128 -3.73 17.11 -3.48
N PHE B 129 -4.68 17.23 -2.55
CA PHE B 129 -5.96 17.91 -2.86
C PHE B 129 -5.94 19.36 -2.41
N SER B 130 -6.27 20.28 -3.31
CA SER B 130 -6.38 21.70 -3.02
C SER B 130 -7.88 22.06 -2.87
N VAL B 131 -8.24 22.63 -1.72
CA VAL B 131 -9.60 23.00 -1.53
C VAL B 131 -9.78 24.39 -2.16
N VAL B 132 -10.53 24.52 -3.25
CA VAL B 132 -10.70 25.83 -3.89
C VAL B 132 -11.93 26.59 -3.33
N GLN B 133 -12.97 25.83 -2.99
CA GLN B 133 -14.17 26.35 -2.38
C GLN B 133 -14.78 25.32 -1.49
N ALA B 134 -15.28 25.79 -0.35
CA ALA B 134 -15.93 24.96 0.63
C ALA B 134 -17.07 25.74 1.26
N PRO B 135 -18.16 25.03 1.71
CA PRO B 135 -19.27 25.71 2.39
C PRO B 135 -18.92 26.11 3.85
N GLN B 136 -19.56 27.18 4.32
CA GLN B 136 -19.32 27.68 5.68
C GLN B 136 -19.31 26.60 6.74
N VAL B 137 -20.30 25.72 6.69
CA VAL B 137 -20.43 24.71 7.73
C VAL B 137 -19.21 23.76 7.82
N LEU B 138 -18.43 23.70 6.75
CA LEU B 138 -17.22 22.87 6.75
C LEU B 138 -15.95 23.61 7.24
N GLN B 139 -16.08 24.89 7.59
CA GLN B 139 -14.90 25.75 7.77
C GLN B 139 -13.95 25.31 8.89
N SER B 140 -14.47 24.60 9.89
CA SER B 140 -13.63 24.15 11.03
C SER B 140 -12.96 22.78 10.85
N CYS B 141 -13.35 22.03 9.83
CA CYS B 141 -12.77 20.72 9.66
C CYS B 141 -11.32 20.87 9.18
N ARG B 142 -10.50 19.90 9.57
CA ARG B 142 -9.08 19.80 9.15
C ARG B 142 -8.72 20.26 7.70
N VAL B 143 -9.21 19.50 6.71
CA VAL B 143 -8.92 19.79 5.32
C VAL B 143 -9.33 21.18 4.90
N VAL B 144 -10.53 21.63 5.32
CA VAL B 144 -11.00 22.94 4.84
C VAL B 144 -10.23 24.08 5.51
N ALA B 145 -9.94 23.95 6.79
CA ALA B 145 -9.19 25.00 7.47
C ALA B 145 -7.75 25.08 6.92
N ASN B 146 -7.15 23.92 6.67
CA ASN B 146 -5.82 23.86 6.08
C ASN B 146 -5.78 24.24 4.62
N LYS B 147 -6.87 24.00 3.91
CA LYS B 147 -7.08 24.34 2.50
C LYS B 147 -6.47 23.30 1.57
N TYR B 148 -5.99 22.20 2.12
CA TYR B 148 -5.43 21.16 1.29
C TYR B 148 -5.42 19.89 2.10
N SER B 149 -5.12 18.77 1.45
CA SER B 149 -4.83 17.55 2.17
C SER B 149 -3.93 16.79 1.22
N SER B 150 -2.82 16.26 1.75
CA SER B 150 -1.87 15.49 0.99
C SER B 150 -1.95 14.10 1.61
N VAL B 151 -2.32 13.09 0.84
CA VAL B 151 -2.47 11.76 1.43
C VAL B 151 -1.76 10.72 0.57
N ASN B 152 -1.49 9.56 1.17
CA ASN B 152 -0.92 8.47 0.43
C ASN B 152 -1.79 8.10 -0.80
N ALA B 153 -1.17 7.95 -1.97
CA ALA B 153 -1.94 7.81 -3.21
C ALA B 153 -2.66 6.47 -3.31
N VAL B 154 -1.99 5.38 -2.92
CA VAL B 154 -2.56 4.06 -3.09
C VAL B 154 -3.79 3.84 -2.18
N LYS B 155 -3.77 4.43 -1.00
CA LYS B 155 -4.88 4.29 -0.03
C LYS B 155 -6.11 5.12 -0.37
N HIS B 156 -5.91 6.20 -1.17
CA HIS B 156 -7.01 7.12 -1.55
C HIS B 156 -7.36 7.21 -2.99
N VAL B 157 -6.71 6.45 -3.87
CA VAL B 157 -7.06 6.56 -5.30
C VAL B 157 -7.20 5.10 -5.74
N LYS B 158 -8.29 4.77 -6.42
CA LYS B 158 -8.40 3.38 -6.89
C LYS B 158 -7.20 2.97 -7.78
N ALA B 159 -6.86 3.82 -8.75
CA ALA B 159 -5.80 3.47 -9.69
C ALA B 159 -4.81 4.61 -9.86
N PRO B 160 -3.86 4.77 -8.94
CA PRO B 160 -2.91 5.89 -9.08
C PRO B 160 -2.05 5.84 -10.35
N GLU B 161 -1.89 4.64 -10.89
CA GLU B 161 -1.09 4.40 -12.07
C GLU B 161 -1.75 5.04 -13.29
N LYS B 162 -3.03 5.37 -13.20
CA LYS B 162 -3.80 5.98 -14.30
C LYS B 162 -3.90 7.50 -14.09
N ILE B 163 -3.32 7.98 -13.00
CA ILE B 163 -3.36 9.43 -12.74
C ILE B 163 -2.10 10.01 -13.40
N PRO B 164 -2.23 11.04 -14.29
CA PRO B 164 -1.00 11.58 -14.89
C PRO B 164 -0.22 12.45 -13.90
N GLY B 165 1.07 12.66 -14.19
CA GLY B 165 1.93 13.53 -13.40
C GLY B 165 1.73 15.03 -13.60
N SER B 166 0.90 15.44 -14.54
CA SER B 166 0.65 16.88 -14.70
C SER B 166 -0.73 17.14 -15.30
N GLY B 167 -1.08 18.42 -15.49
CA GLY B 167 -2.40 18.76 -15.98
C GLY B 167 -3.36 19.04 -14.84
N THR B 168 -4.47 19.68 -15.16
CA THR B 168 -5.37 20.11 -14.11
C THR B 168 -6.32 18.96 -13.81
N LEU B 169 -6.49 18.65 -12.53
CA LEU B 169 -7.34 17.54 -12.15
C LEU B 169 -8.38 17.94 -11.15
N GLU B 170 -9.65 17.61 -11.43
CA GLU B 170 -10.76 17.93 -10.54
C GLU B 170 -11.14 16.71 -9.69
N TYR B 171 -11.40 16.89 -8.41
CA TYR B 171 -11.88 15.76 -7.64
C TYR B 171 -13.31 16.08 -7.37
N LYS B 172 -14.20 15.29 -7.97
CA LYS B 172 -15.63 15.53 -7.92
C LYS B 172 -16.26 14.70 -6.85
N VAL B 173 -16.73 15.39 -5.81
CA VAL B 173 -17.39 14.70 -4.71
C VAL B 173 -18.75 14.18 -5.18
N ASN B 174 -18.99 12.87 -5.07
CA ASN B 174 -20.32 12.33 -5.39
C ASN B 174 -21.00 11.56 -4.23
N PHE B 175 -20.21 11.06 -3.27
CA PHE B 175 -20.78 10.31 -2.13
C PHE B 175 -20.33 10.95 -0.84
N VAL B 176 -21.26 11.11 0.09
CA VAL B 176 -20.91 11.71 1.37
C VAL B 176 -21.26 10.73 2.49
N SER B 177 -20.27 10.24 3.22
CA SER B 177 -20.57 9.29 4.30
C SER B 177 -20.29 9.93 5.62
N LEU B 178 -21.33 9.99 6.45
CA LEU B 178 -21.17 10.73 7.71
C LEU B 178 -21.17 9.80 8.93
N THR B 179 -20.39 10.11 9.96
CA THR B 179 -20.43 9.30 11.18
C THR B 179 -20.56 10.16 12.41
N VAL B 180 -21.67 9.99 13.14
CA VAL B 180 -21.90 10.76 14.34
C VAL B 180 -21.29 10.02 15.50
N VAL B 181 -20.35 10.66 16.19
CA VAL B 181 -19.62 9.92 17.21
C VAL B 181 -18.95 10.87 18.18
N PRO B 182 -18.80 10.47 19.45
CA PRO B 182 -17.93 11.24 20.34
C PRO B 182 -16.50 11.23 19.81
N ARG B 183 -15.95 12.42 19.56
CA ARG B 183 -14.56 12.56 19.13
C ARG B 183 -13.63 11.66 19.94
N LYS B 184 -13.84 11.65 21.25
CA LYS B 184 -13.21 10.77 22.25
C LYS B 184 -13.07 9.30 21.81
N ASP B 185 -14.10 8.78 21.14
CA ASP B 185 -14.22 7.34 20.93
C ASP B 185 -13.48 6.92 19.67
N VAL B 186 -13.27 7.88 18.77
CA VAL B 186 -12.55 7.56 17.56
C VAL B 186 -11.07 7.80 17.81
N TYR B 187 -10.44 6.74 18.26
CA TYR B 187 -9.05 6.74 18.69
C TYR B 187 -8.26 5.75 17.82
N LYS B 188 -7.40 6.30 16.96
CA LYS B 188 -6.50 5.52 16.11
C LYS B 188 -5.26 5.21 16.92
N ILE B 189 -4.88 3.93 16.99
CA ILE B 189 -3.67 3.52 17.70
C ILE B 189 -2.42 4.08 17.01
N PRO B 190 -1.53 4.77 17.76
CA PRO B 190 -0.31 5.34 17.17
C PRO B 190 0.61 4.22 16.67
N THR B 191 1.31 4.44 15.55
CA THR B 191 1.93 3.31 14.84
C THR B 191 3.11 2.70 15.62
N ALA B 192 3.82 3.58 16.31
CA ALA B 192 4.87 3.20 17.23
C ALA B 192 4.40 2.10 18.16
N ALA B 193 3.17 2.23 18.63
CA ALA B 193 2.59 1.27 19.56
C ALA B 193 2.25 -0.09 18.89
N LEU B 194 1.73 -0.02 17.67
CA LEU B 194 1.41 -1.20 16.91
C LEU B 194 2.69 -1.94 16.53
N LYS B 195 3.83 -1.27 16.60
CA LYS B 195 5.08 -1.89 16.16
C LYS B 195 5.90 -2.46 17.29
N VAL B 196 5.44 -2.30 18.53
CA VAL B 196 6.10 -2.94 19.66
C VAL B 196 6.01 -4.44 19.50
N SER B 197 7.10 -5.13 19.84
CA SER B 197 7.17 -6.59 19.86
C SER B 197 8.16 -7.01 20.94
N GLY B 198 8.10 -8.29 21.32
CA GLY B 198 9.00 -8.82 22.32
C GLY B 198 9.02 -10.33 22.30
N SER B 199 10.17 -10.91 22.62
CA SER B 199 10.36 -12.36 22.62
C SER B 199 9.47 -13.06 23.62
N SER B 200 9.09 -12.35 24.67
CA SER B 200 8.12 -12.89 25.60
C SER B 200 6.88 -11.97 25.69
N LEU B 201 6.32 -11.70 24.52
CA LEU B 201 4.97 -11.18 24.41
C LEU B 201 4.30 -12.08 23.40
N TYR B 202 2.99 -12.19 23.49
CA TYR B 202 2.22 -12.78 22.43
C TYR B 202 1.69 -11.65 21.60
N ASN B 203 1.47 -11.91 20.31
CA ASN B 203 0.84 -10.94 19.45
C ASN B 203 -0.66 -11.22 19.36
N LEU B 204 -1.45 -10.31 19.90
CA LEU B 204 -2.90 -10.41 19.86
C LEU B 204 -3.43 -9.83 18.58
N ALA B 205 -4.07 -10.68 17.79
CA ALA B 205 -4.66 -10.27 16.53
C ALA B 205 -6.09 -10.78 16.33
N LEU B 206 -6.75 -10.31 15.28
CA LEU B 206 -8.05 -10.80 14.89
C LEU B 206 -7.91 -11.33 13.49
N ASN B 207 -8.51 -12.49 13.27
CA ASN B 207 -8.73 -12.99 11.94
C ASN B 207 -10.14 -12.52 11.61
N VAL B 208 -10.24 -11.56 10.69
CA VAL B 208 -11.50 -10.94 10.34
C VAL B 208 -11.98 -11.35 8.94
N THR B 209 -13.19 -11.87 8.85
CA THR B 209 -13.72 -12.08 7.51
C THR B 209 -14.89 -11.14 7.32
N ILE B 210 -15.02 -10.60 6.12
CA ILE B 210 -15.98 -9.58 5.83
C ILE B 210 -16.84 -9.97 4.67
N ASP B 211 -18.12 -10.19 4.92
CA ASP B 211 -19.04 -10.51 3.84
C ASP B 211 -19.23 -9.25 3.07
N VAL B 212 -19.00 -9.29 1.77
CA VAL B 212 -19.15 -8.10 0.97
C VAL B 212 -20.24 -8.36 -0.05
N GLU B 213 -21.25 -7.50 -0.08
CA GLU B 213 -22.30 -7.60 -1.11
C GLU B 213 -21.75 -7.13 -2.45
N VAL B 214 -21.68 -8.06 -3.37
CA VAL B 214 -21.17 -7.84 -4.71
C VAL B 214 -21.92 -8.78 -5.65
N ASP B 215 -22.44 -8.22 -6.73
CA ASP B 215 -22.94 -8.98 -7.86
C ASP B 215 -21.94 -10.10 -8.11
N PRO B 216 -22.40 -11.36 -8.16
CA PRO B 216 -21.48 -12.45 -8.53
C PRO B 216 -20.70 -12.23 -9.85
N LYS B 217 -21.10 -11.25 -10.66
CA LYS B 217 -20.49 -11.07 -11.97
C LYS B 217 -19.54 -9.88 -12.06
N SER B 218 -19.33 -9.20 -10.94
CA SER B 218 -18.35 -8.12 -10.85
C SER B 218 -16.89 -8.65 -10.98
N PRO B 219 -16.00 -7.85 -11.63
CA PRO B 219 -14.58 -8.22 -11.81
C PRO B 219 -13.82 -8.32 -10.48
N LEU B 220 -14.42 -7.76 -9.43
CA LEU B 220 -13.85 -7.73 -8.08
C LEU B 220 -13.84 -9.12 -7.43
N VAL B 221 -14.85 -9.91 -7.80
CA VAL B 221 -15.03 -11.24 -7.27
C VAL B 221 -13.74 -12.04 -7.41
N LYS B 222 -12.98 -11.80 -8.47
CA LYS B 222 -11.73 -12.51 -8.74
C LYS B 222 -10.74 -12.54 -7.57
N SER B 223 -10.81 -11.54 -6.68
CA SER B 223 -9.84 -11.42 -5.58
C SER B 223 -10.43 -11.71 -4.21
N LEU B 224 -11.68 -12.14 -4.17
CA LEU B 224 -12.32 -12.51 -2.91
C LEU B 224 -12.37 -14.02 -2.77
N SER B 225 -12.69 -14.50 -1.57
CA SER B 225 -13.04 -15.91 -1.39
C SER B 225 -14.54 -16.07 -1.61
N LYS B 226 -14.98 -17.28 -1.94
CA LYS B 226 -16.38 -17.63 -2.07
C LYS B 226 -16.75 -18.60 -0.99
N SER B 227 -17.94 -18.48 -0.47
CA SER B 227 -18.47 -19.49 0.43
C SER B 227 -19.90 -19.79 0.09
N ASP B 228 -20.46 -20.85 0.62
CA ASP B 228 -21.68 -21.30 0.04
C ASP B 228 -22.59 -20.09 0.00
N SER B 229 -22.62 -19.29 1.05
CA SER B 229 -23.42 -18.08 1.04
C SER B 229 -23.04 -16.96 0.04
N GLY B 230 -21.75 -16.67 -0.07
CA GLY B 230 -21.31 -15.46 -0.75
C GLY B 230 -19.85 -15.15 -0.51
N TYR B 231 -19.43 -13.94 -0.87
CA TYR B 231 -18.02 -13.65 -0.94
C TYR B 231 -17.56 -12.90 0.26
N TYR B 232 -16.38 -13.25 0.70
CA TYR B 232 -15.79 -12.62 1.82
C TYR B 232 -14.38 -12.18 1.54
N ALA B 233 -13.89 -11.25 2.32
CA ALA B 233 -12.56 -10.77 2.20
C ALA B 233 -11.93 -11.04 3.51
N ASN B 234 -10.68 -11.44 3.48
CA ASN B 234 -9.95 -11.75 4.71
C ASN B 234 -9.05 -10.63 5.13
N LEU B 235 -8.98 -10.40 6.43
CA LEU B 235 -8.21 -9.31 6.94
C LEU B 235 -7.67 -9.84 8.25
N PHE B 236 -6.34 -9.78 8.37
CA PHE B 236 -5.67 -10.14 9.61
C PHE B 236 -5.19 -8.84 10.27
N LEU B 237 -5.56 -8.62 11.53
CA LEU B 237 -5.37 -7.32 12.20
C LEU B 237 -4.76 -7.44 13.58
N HIS B 238 -3.67 -6.72 13.83
CA HIS B 238 -2.95 -6.79 15.07
C HIS B 238 -3.61 -5.80 15.98
N ILE B 239 -4.05 -6.25 17.15
CA ILE B 239 -5.02 -5.47 17.96
C ILE B 239 -4.47 -5.21 19.37
N GLY B 240 -3.37 -5.89 19.74
CA GLY B 240 -2.81 -5.74 21.07
C GLY B 240 -1.65 -6.68 21.39
N LEU B 241 -1.12 -6.55 22.59
CA LEU B 241 -0.01 -7.39 23.07
C LEU B 241 -0.38 -8.11 24.38
N MET B 242 -0.06 -9.40 24.50
CA MET B 242 -0.29 -10.15 25.76
C MET B 242 0.95 -10.85 26.26
N SER B 243 1.15 -10.93 27.56
CA SER B 243 2.33 -11.59 28.09
C SER B 243 2.34 -13.10 28.03
N THR B 244 3.50 -13.63 27.70
CA THR B 244 3.84 -15.03 27.87
C THR B 244 3.96 -15.43 29.34
N VAL B 245 4.36 -14.46 30.14
CA VAL B 245 4.70 -14.63 31.55
C VAL B 245 3.67 -14.08 32.56
N ASP B 246 3.14 -14.96 33.41
CA ASP B 246 2.45 -14.57 34.64
C ASP B 246 3.44 -14.25 35.71
N LYS B 247 3.05 -13.32 36.59
CA LYS B 247 3.64 -13.15 37.91
C LYS B 247 5.01 -12.49 37.94
N LYS B 248 5.56 -12.14 36.79
CA LYS B 248 6.92 -11.70 36.86
C LYS B 248 7.53 -12.97 37.38
N GLY B 249 6.83 -14.05 37.09
CA GLY B 249 7.37 -15.37 37.13
C GLY B 249 6.92 -15.77 35.76
N LYS B 250 7.02 -17.04 35.44
CA LYS B 250 6.69 -17.55 34.14
C LYS B 250 5.69 -18.47 34.74
N LYS B 251 4.74 -19.01 33.97
CA LYS B 251 4.48 -18.80 32.56
C LYS B 251 2.98 -18.97 32.32
N VAL B 252 2.38 -18.00 31.63
CA VAL B 252 0.91 -18.01 31.40
C VAL B 252 0.46 -19.24 30.57
N THR B 253 -0.78 -19.69 30.74
CA THR B 253 -1.24 -20.91 30.05
C THR B 253 -2.49 -20.64 29.20
N PHE B 254 -2.88 -21.62 28.37
CA PHE B 254 -4.05 -21.50 27.49
C PHE B 254 -5.35 -21.36 28.29
N ASP B 255 -5.25 -21.68 29.58
CA ASP B 255 -6.33 -21.47 30.54
C ASP B 255 -6.53 -19.98 30.71
N LYS B 256 -5.57 -19.33 31.39
CA LYS B 256 -5.73 -17.94 31.83
C LYS B 256 -5.44 -16.87 30.75
N LEU B 257 -5.35 -17.30 29.49
CA LEU B 257 -5.36 -16.37 28.34
C LEU B 257 -6.75 -16.36 27.72
N GLU B 258 -7.41 -17.51 27.70
CA GLU B 258 -8.82 -17.57 27.34
C GLU B 258 -9.60 -16.77 28.36
N ARG B 259 -9.08 -16.74 29.59
CA ARG B 259 -9.75 -16.09 30.73
C ARG B 259 -9.40 -14.62 30.74
N LYS B 260 -8.17 -14.27 30.36
CA LYS B 260 -7.80 -12.87 30.28
C LYS B 260 -8.59 -12.14 29.18
N ILE B 261 -8.60 -12.70 27.97
CA ILE B 261 -9.36 -12.17 26.81
C ILE B 261 -10.90 -12.10 26.99
N ARG B 262 -11.49 -13.11 27.63
CA ARG B 262 -12.93 -13.11 27.86
C ARG B 262 -13.36 -11.95 28.79
N ARG B 263 -12.62 -11.75 29.88
CA ARG B 263 -12.81 -10.60 30.78
C ARG B 263 -12.53 -9.26 30.06
N LEU B 264 -11.70 -9.29 29.03
CA LEU B 264 -11.52 -8.09 28.22
C LEU B 264 -12.83 -7.77 27.50
N ASP B 265 -13.52 -8.82 27.04
CA ASP B 265 -14.86 -8.71 26.51
C ASP B 265 -14.89 -7.74 25.32
N LEU B 266 -14.42 -8.24 24.17
CA LEU B 266 -14.32 -7.51 22.92
C LEU B 266 -15.54 -7.59 22.01
N SER B 267 -15.91 -6.45 21.42
CA SER B 267 -16.87 -6.39 20.32
C SER B 267 -16.28 -5.57 19.20
N VAL B 268 -16.62 -5.94 17.97
CA VAL B 268 -15.91 -5.49 16.80
C VAL B 268 -16.97 -5.17 15.80
N GLY B 269 -16.76 -4.12 15.01
CA GLY B 269 -17.71 -3.70 13.98
C GLY B 269 -17.00 -3.01 12.83
N LEU B 270 -17.75 -2.59 11.83
CA LEU B 270 -17.21 -1.89 10.68
C LEU B 270 -17.81 -0.50 10.63
N SER B 271 -17.08 0.44 10.04
CA SER B 271 -17.48 1.85 9.99
C SER B 271 -16.74 2.60 8.91
N ASP B 272 -17.25 3.78 8.60
CA ASP B 272 -16.60 4.69 7.70
C ASP B 272 -15.88 5.89 8.32
N VAL B 273 -15.96 6.15 9.65
CA VAL B 273 -15.21 7.28 10.24
C VAL B 273 -13.85 7.09 9.68
N LEU B 274 -13.09 8.10 9.40
CA LEU B 274 -11.71 7.75 8.91
C LEU B 274 -11.62 6.81 7.68
N GLY B 275 -12.61 6.77 6.81
CA GLY B 275 -12.58 5.76 5.73
C GLY B 275 -12.91 4.39 6.29
N PRO B 276 -13.04 3.36 5.42
CA PRO B 276 -13.40 2.04 5.93
C PRO B 276 -12.49 1.53 7.05
N SER B 277 -13.12 1.17 8.15
CA SER B 277 -12.40 0.98 9.38
C SER B 277 -13.02 -0.20 10.14
N VAL B 278 -12.19 -0.89 10.91
CA VAL B 278 -12.66 -1.82 11.87
C VAL B 278 -12.76 -1.08 13.22
N LEU B 279 -13.91 -1.23 13.91
CA LEU B 279 -14.09 -0.71 15.28
C LEU B 279 -13.97 -1.84 16.29
N VAL B 280 -13.16 -1.66 17.32
CA VAL B 280 -13.09 -2.68 18.37
C VAL B 280 -13.35 -2.02 19.73
N LYS B 281 -14.11 -2.71 20.56
CA LYS B 281 -14.41 -2.20 21.89
C LYS B 281 -14.15 -3.30 22.89
N ALA B 282 -13.48 -2.94 23.98
CA ALA B 282 -13.33 -3.82 25.13
C ALA B 282 -14.19 -3.31 26.27
N ARG B 283 -15.07 -4.14 26.79
CA ARG B 283 -15.83 -3.72 27.94
C ARG B 283 -15.09 -3.84 29.28
N GLY B 284 -14.05 -4.67 29.30
CA GLY B 284 -13.31 -4.95 30.53
C GLY B 284 -11.96 -4.26 30.59
N ALA B 285 -11.48 -3.98 31.80
CA ALA B 285 -10.24 -3.23 32.03
C ALA B 285 -9.01 -3.83 31.33
N ARG B 286 -8.10 -2.97 30.90
CA ARG B 286 -6.94 -3.40 30.14
C ARG B 286 -5.80 -3.72 31.04
N THR B 287 -5.18 -4.88 30.83
CA THR B 287 -3.88 -5.15 31.45
C THR B 287 -2.94 -3.98 31.12
N ARG B 288 -1.82 -3.88 31.82
CA ARG B 288 -0.83 -2.86 31.57
C ARG B 288 -0.39 -2.80 30.10
N LEU B 289 -0.27 -3.98 29.49
CA LEU B 289 0.21 -4.13 28.12
C LEU B 289 -0.79 -3.69 27.07
N LEU B 290 -2.07 -3.96 27.30
CA LEU B 290 -3.13 -3.68 26.31
C LEU B 290 -3.57 -2.25 26.29
N ALA B 291 -3.12 -1.46 27.25
CA ALA B 291 -3.68 -0.15 27.47
C ALA B 291 -3.43 0.85 26.32
N PRO B 292 -2.26 0.77 25.63
CA PRO B 292 -2.08 1.73 24.54
C PRO B 292 -2.95 1.42 23.34
N PHE B 293 -3.57 0.24 23.37
CA PHE B 293 -4.36 -0.22 22.25
C PHE B 293 -5.85 0.14 22.33
N PHE B 294 -6.23 0.99 23.31
CA PHE B 294 -7.63 1.38 23.52
C PHE B 294 -7.74 2.79 24.06
N SER B 295 -8.74 3.55 23.62
CA SER B 295 -8.94 4.88 24.16
C SER B 295 -9.25 4.74 25.62
N SER B 296 -9.44 5.85 26.30
CA SER B 296 -9.80 5.82 27.72
C SER B 296 -11.27 5.38 27.91
N SER B 297 -12.04 5.32 26.83
CA SER B 297 -13.39 4.78 26.94
C SER B 297 -13.44 3.37 26.33
N GLY B 298 -12.28 2.71 26.24
CA GLY B 298 -12.20 1.33 25.78
C GLY B 298 -12.33 1.07 24.27
N THR B 299 -12.14 2.09 23.42
CA THR B 299 -12.37 1.92 21.97
C THR B 299 -11.11 2.09 21.16
N ALA B 300 -11.12 1.51 19.95
CA ALA B 300 -10.03 1.67 18.96
C ALA B 300 -10.58 1.59 17.56
N CYS B 301 -10.07 2.46 16.70
CA CYS B 301 -10.47 2.50 15.31
C CYS B 301 -9.22 2.18 14.45
N TYR B 302 -9.34 1.17 13.61
CA TYR B 302 -8.29 0.71 12.72
C TYR B 302 -8.69 0.97 11.28
N PRO B 303 -8.15 2.03 10.69
CA PRO B 303 -8.59 2.21 9.31
C PRO B 303 -8.03 1.07 8.46
N ILE B 304 -8.89 0.47 7.66
CA ILE B 304 -8.48 -0.66 6.87
C ILE B 304 -7.52 -0.18 5.80
N SER B 305 -7.63 1.08 5.42
CA SER B 305 -6.69 1.76 4.49
C SER B 305 -5.22 1.49 4.90
N ASN B 306 -4.95 1.50 6.20
CA ASN B 306 -3.61 1.17 6.67
C ASN B 306 -3.40 -0.32 6.87
N ALA B 307 -4.42 -1.04 7.31
CA ALA B 307 -4.24 -2.47 7.56
C ALA B 307 -4.15 -3.28 6.28
N SER B 308 -5.09 -3.04 5.37
CA SER B 308 -5.08 -3.76 4.13
C SER B 308 -5.73 -2.89 3.06
N PRO B 309 -4.90 -2.12 2.32
CA PRO B 309 -5.41 -1.07 1.43
C PRO B 309 -6.34 -1.63 0.33
N GLN B 310 -6.10 -2.84 -0.13
CA GLN B 310 -7.02 -3.45 -1.06
C GLN B 310 -8.38 -3.82 -0.53
N VAL B 311 -8.46 -4.37 0.68
CA VAL B 311 -9.75 -4.57 1.36
C VAL B 311 -10.47 -3.24 1.47
N ALA B 312 -9.77 -2.21 1.94
CA ALA B 312 -10.38 -0.89 2.04
C ALA B 312 -11.02 -0.39 0.76
N LYS B 313 -10.36 -0.50 -0.40
CA LYS B 313 -10.95 0.11 -1.62
C LYS B 313 -12.13 -0.71 -2.16
N ILE B 314 -12.15 -1.99 -1.81
CA ILE B 314 -13.32 -2.83 -2.18
C ILE B 314 -14.49 -2.27 -1.42
N LEU B 315 -14.27 -1.97 -0.13
CA LEU B 315 -15.30 -1.39 0.71
C LEU B 315 -15.75 0.06 0.35
N TRP B 316 -15.05 0.73 -0.58
CA TRP B 316 -15.55 1.98 -1.12
C TRP B 316 -16.81 1.69 -1.91
N SER B 317 -16.77 0.62 -2.71
CA SER B 317 -17.83 0.35 -3.67
C SER B 317 -18.94 -0.57 -3.18
N GLN B 318 -18.65 -1.45 -2.23
CA GLN B 318 -19.63 -2.49 -1.79
C GLN B 318 -20.08 -2.28 -0.35
N THR B 319 -21.33 -2.64 -0.03
CA THR B 319 -21.74 -2.70 1.39
C THR B 319 -21.15 -3.97 1.94
N ALA B 320 -21.08 -4.07 3.25
CA ALA B 320 -20.30 -5.13 3.84
C ALA B 320 -20.67 -5.23 5.30
N ARG B 321 -20.64 -6.45 5.82
CA ARG B 321 -20.74 -6.65 7.25
C ARG B 321 -19.77 -7.75 7.65
N LEU B 322 -19.42 -7.71 8.92
CA LEU B 322 -18.55 -8.72 9.52
C LEU B 322 -19.15 -10.11 9.49
N ARG B 323 -18.38 -11.07 8.98
CA ARG B 323 -18.79 -12.48 8.99
C ARG B 323 -18.37 -13.19 10.28
N SER B 324 -17.09 -13.18 10.62
CA SER B 324 -16.62 -13.65 11.92
C SER B 324 -15.31 -12.98 12.30
N VAL B 325 -15.05 -12.94 13.59
CA VAL B 325 -13.85 -12.29 14.08
C VAL B 325 -13.36 -13.18 15.18
N LYS B 326 -12.28 -13.91 14.86
CA LYS B 326 -11.71 -14.84 15.80
C LYS B 326 -10.45 -14.19 16.34
N VAL B 327 -10.34 -14.17 17.67
CA VAL B 327 -9.18 -13.66 18.37
C VAL B 327 -8.09 -14.74 18.29
N ILE B 328 -6.96 -14.32 17.72
CA ILE B 328 -5.76 -15.13 17.50
C ILE B 328 -4.62 -14.62 18.40
N ILE B 329 -3.87 -15.59 18.95
CA ILE B 329 -2.60 -15.31 19.60
C ILE B 329 -1.51 -15.91 18.70
N GLN B 330 -0.53 -15.09 18.32
CA GLN B 330 0.62 -15.50 17.51
C GLN B 330 1.83 -15.22 18.36
N ALA B 331 2.99 -15.74 17.96
CA ALA B 331 4.24 -15.40 18.65
C ALA B 331 4.49 -13.87 18.61
N GLY B 332 5.21 -13.34 19.61
CA GLY B 332 5.42 -11.90 19.74
C GLY B 332 6.51 -11.24 18.90
N THR B 333 7.19 -12.02 18.09
CA THR B 333 8.09 -11.46 17.09
C THR B 333 7.90 -12.23 15.79
N GLN B 334 8.09 -11.52 14.70
CA GLN B 334 7.94 -12.08 13.38
C GLN B 334 8.83 -13.29 13.18
N ARG B 335 10.08 -13.26 13.69
CA ARG B 335 10.92 -14.46 13.56
C ARG B 335 10.23 -15.72 14.14
N ALA B 336 9.67 -15.56 15.32
CA ALA B 336 9.06 -16.68 16.02
C ALA B 336 7.75 -17.15 15.34
N VAL B 337 7.01 -16.20 14.82
CA VAL B 337 5.74 -16.44 14.16
C VAL B 337 5.88 -17.44 13.00
N ALA B 338 6.98 -17.30 12.27
CA ALA B 338 7.36 -18.18 11.18
C ALA B 338 7.36 -19.65 11.51
N VAL B 339 7.85 -19.99 12.71
CA VAL B 339 8.05 -21.40 13.06
C VAL B 339 7.11 -21.89 14.15
N THR B 340 6.15 -21.05 14.52
CA THR B 340 5.21 -21.42 15.58
C THR B 340 3.74 -21.27 15.10
N ALA B 341 2.92 -22.25 15.46
CA ALA B 341 1.49 -22.26 15.12
C ALA B 341 0.70 -21.14 15.83
N ASP B 342 -0.22 -20.51 15.09
CA ASP B 342 -1.21 -19.60 15.69
C ASP B 342 -2.13 -20.35 16.67
N HIS B 343 -2.58 -19.70 17.73
CA HIS B 343 -3.60 -20.31 18.59
C HIS B 343 -4.87 -19.49 18.70
N GLU B 344 -5.95 -20.03 18.14
CA GLU B 344 -7.26 -19.41 18.12
C GLU B 344 -7.90 -19.52 19.47
N VAL B 345 -8.27 -18.39 20.06
CA VAL B 345 -8.80 -18.40 21.42
C VAL B 345 -10.32 -18.52 21.49
N THR B 346 -10.98 -17.57 20.84
CA THR B 346 -12.43 -17.39 20.94
C THR B 346 -12.87 -16.46 19.82
N SER B 347 -14.14 -16.09 19.83
CA SER B 347 -14.61 -15.05 18.93
C SER B 347 -14.87 -13.80 19.73
N THR B 348 -15.09 -12.71 19.02
CA THR B 348 -15.64 -11.53 19.65
C THR B 348 -17.16 -11.48 19.37
N LYS B 349 -17.90 -10.72 20.17
CA LYS B 349 -19.22 -10.26 19.71
C LYS B 349 -18.98 -9.47 18.41
N ILE B 350 -19.89 -9.65 17.45
CA ILE B 350 -19.95 -8.83 16.24
C ILE B 350 -21.02 -7.80 16.56
N GLU B 351 -20.73 -6.52 16.39
CA GLU B 351 -21.77 -5.50 16.47
C GLU B 351 -22.46 -5.41 15.11
N LYS B 352 -23.62 -6.05 14.98
CA LYS B 352 -24.34 -6.08 13.71
C LYS B 352 -24.94 -4.71 13.29
N ARG B 353 -25.08 -3.74 14.22
CA ARG B 353 -25.48 -2.35 13.86
C ARG B 353 -24.36 -1.61 13.18
N HIS B 354 -23.13 -2.05 13.35
CA HIS B 354 -21.98 -1.31 12.79
C HIS B 354 -21.46 -1.93 11.55
N THR B 355 -21.93 -1.48 10.39
CA THR B 355 -21.55 -2.11 9.12
C THR B 355 -21.11 -1.04 8.16
N ILE B 356 -20.66 -1.37 6.95
CA ILE B 356 -20.49 -0.39 5.89
C ILE B 356 -21.84 -0.38 5.18
N ALA B 357 -22.64 0.66 5.41
CA ALA B 357 -24.05 0.62 4.94
C ALA B 357 -24.34 1.14 3.53
N LYS B 358 -25.59 0.95 3.12
CA LYS B 358 -26.10 1.31 1.81
C LYS B 358 -26.31 2.81 1.71
N TYR B 359 -25.96 3.37 0.54
CA TYR B 359 -26.19 4.79 0.26
C TYR B 359 -27.64 5.07 -0.08
N ASN B 360 -28.06 6.31 0.12
CA ASN B 360 -29.40 6.79 -0.28
C ASN B 360 -29.22 7.99 -1.15
N PRO B 361 -30.01 8.14 -2.19
CA PRO B 361 -29.96 9.32 -3.04
C PRO B 361 -30.58 10.50 -2.37
N PHE B 362 -30.31 11.71 -2.88
CA PHE B 362 -30.89 12.93 -2.35
C PHE B 362 -32.38 13.05 -2.69
N LYS B 363 -33.12 13.77 -1.85
CA LYS B 363 -34.54 13.98 -2.08
C LYS B 363 -34.74 14.74 -3.39
N LYS B 364 -35.79 14.40 -4.13
CA LYS B 364 -35.98 14.95 -5.46
C LYS B 364 -35.28 16.31 -5.59
#